data_8OGH
#
_entry.id   8OGH
#
_cell.length_a   63.462
_cell.length_b   127.775
_cell.length_c   79.583
_cell.angle_alpha   90.000
_cell.angle_beta   106.883
_cell.angle_gamma   90.000
#
_symmetry.space_group_name_H-M   'P 1 21 1'
#
loop_
_entity.id
_entity.type
_entity.pdbx_description
1 polymer '1-deoxy-D-xylulose-5-phosphate synthase'
2 non-polymer '[(S)-1-[3-[(4-azanyl-2-methyl-pyrimidin-5-yl)methyl]-4-methyl-5-[2-[oxidanyl(phosphonooxy)phosphoryl]oxyethyl]-1,3-thiazol-3-ium-2-yl]-1-oxidanyl-ethyl]-butoxy-phosphinic acid'
3 non-polymer GLYCEROL
4 non-polymer 1,2-ETHANEDIOL
5 non-polymer 'MAGNESIUM ION'
6 non-polymer DI(HYDROXYETHYL)ETHER
7 water water
#
_entity_poly.entity_id   1
_entity_poly.type   'polypeptide(L)'
_entity_poly.pdbx_seq_one_letter_code
;GAMGMLQQIRGPADLQHLSQAQLRELAAEIREFLIHKVAATGGHLGPNLGVVELTLALHRVFDSPHDPIIFDTGHQAYVH
KMLTGRSQDFATLRKKGGLSGYPSRAESEHDWVESSHASAALSYADGLAKAFELTGHRNRHVVAVVGDGALTGGMCWEAL
NNIAASRRPVIIVVNDNGRSYAPTIGGVADHLAGGGGGGGPQLLFTDLGLKYVGPVDGHDERAVEVALRSARRFGAPVIV
HVVTRKGMGYPPAEADQAEQMHSTVPIDPATGQATKVAGPGWTATFSDALIGYAQKRRDIVAITAAMPGPTGLTAFGQRF
PDRLFDVGIAEQHAMTSAAGLAMGGLHPVVAIYSTFLNRAFDQIMMDVALHKLPVTMVLDRAGITGSDGASHNGMWDLSM
LGIVPGIRVAAPRDATRLREELGEALDVDDGPTALRFPKGDVGEDISALERRGGVDVLAAPADGLNHDVLLVAIGAFAPM
ALAVAKRLHNQGIGVTVIDPRWVLPVSDGVRELAVQHKLLVTLEDNGVNGGAGSAVSAALRRAEIDVPCRDVGLPQEFYE
HASRSEVLADLGLTDQDVARRITGWVAALGTGVCASDAIPEHLD
;
_entity_poly.pdbx_strand_id   A,B
#
# COMPACT_ATOMS: atom_id res chain seq x y z
N GLY A 4 -17.69 30.68 -34.75
CA GLY A 4 -16.77 29.69 -34.14
C GLY A 4 -16.43 30.15 -32.74
N MET A 5 -17.08 29.59 -31.71
CA MET A 5 -16.90 30.15 -30.36
C MET A 5 -15.72 29.50 -29.64
N LEU A 6 -15.48 28.20 -29.83
CA LEU A 6 -14.39 27.59 -29.08
C LEU A 6 -13.10 28.37 -29.24
N GLN A 7 -12.77 28.77 -30.47
CA GLN A 7 -11.54 29.51 -30.74
C GLN A 7 -11.49 30.84 -30.00
N GLN A 8 -12.63 31.37 -29.57
CA GLN A 8 -12.66 32.64 -28.87
C GLN A 8 -12.48 32.50 -27.36
N ILE A 9 -12.47 31.28 -26.83
CA ILE A 9 -12.37 31.08 -25.38
C ILE A 9 -10.89 31.11 -25.01
N ARG A 10 -10.46 32.23 -24.42
CA ARG A 10 -9.09 32.37 -23.94
C ARG A 10 -8.91 31.73 -22.58
N GLY A 11 -9.99 31.66 -21.81
CA GLY A 11 -9.98 31.11 -20.47
C GLY A 11 -11.39 31.13 -19.93
N PRO A 12 -11.59 30.64 -18.71
CA PRO A 12 -12.97 30.47 -18.19
C PRO A 12 -13.83 31.72 -18.24
N ALA A 13 -13.25 32.90 -17.98
CA ALA A 13 -14.05 34.12 -17.91
C ALA A 13 -14.75 34.44 -19.22
N ASP A 14 -14.24 33.94 -20.35
CA ASP A 14 -14.89 34.20 -21.63
C ASP A 14 -16.21 33.45 -21.76
N LEU A 15 -16.48 32.50 -20.86
CA LEU A 15 -17.81 31.90 -20.81
C LEU A 15 -18.83 32.78 -20.13
N GLN A 16 -18.39 33.83 -19.43
CA GLN A 16 -19.19 34.42 -18.35
C GLN A 16 -20.47 35.06 -18.85
N HIS A 17 -20.42 35.69 -20.02
CA HIS A 17 -21.55 36.44 -20.54
C HIS A 17 -22.19 35.77 -21.74
N LEU A 18 -21.82 34.52 -22.03
CA LEU A 18 -22.49 33.77 -23.08
C LEU A 18 -23.93 33.50 -22.67
N SER A 19 -24.83 33.58 -23.64
CA SER A 19 -26.21 33.15 -23.48
C SER A 19 -26.33 31.63 -23.37
N GLN A 20 -27.47 31.15 -22.88
CA GLN A 20 -27.66 29.71 -22.80
C GLN A 20 -27.64 29.09 -24.20
N ALA A 21 -28.20 29.78 -25.19
CA ALA A 21 -28.14 29.28 -26.55
C ALA A 21 -26.69 29.18 -27.03
N GLN A 22 -25.88 30.19 -26.73
CA GLN A 22 -24.47 30.16 -27.11
C GLN A 22 -23.75 29.01 -26.42
N LEU A 23 -24.10 28.73 -25.15
CA LEU A 23 -23.46 27.62 -24.45
C LEU A 23 -23.86 26.28 -25.06
N ARG A 24 -25.09 26.16 -25.56
CA ARG A 24 -25.48 24.94 -26.24
C ARG A 24 -24.68 24.75 -27.53
N GLU A 25 -24.51 25.84 -28.30
CA GLU A 25 -23.70 25.77 -29.52
C GLU A 25 -22.25 25.42 -29.19
N LEU A 26 -21.71 26.05 -28.15
CA LEU A 26 -20.33 25.77 -27.73
C LEU A 26 -20.16 24.31 -27.34
N ALA A 27 -21.11 23.75 -26.57
CA ALA A 27 -20.99 22.35 -26.17
C ALA A 27 -20.99 21.44 -27.38
N ALA A 28 -21.79 21.77 -28.40
CA ALA A 28 -21.80 20.98 -29.62
C ALA A 28 -20.47 21.10 -30.36
N GLU A 29 -19.86 22.28 -30.32
N GLU A 29 -19.87 22.29 -30.35
CA GLU A 29 -18.54 22.47 -30.97
CA GLU A 29 -18.53 22.48 -30.97
C GLU A 29 -17.47 21.68 -30.19
C GLU A 29 -17.51 21.63 -30.20
N ILE A 30 -17.67 21.55 -28.88
CA ILE A 30 -16.70 20.82 -28.06
C ILE A 30 -16.80 19.34 -28.35
N ARG A 31 -18.01 18.81 -28.49
CA ARG A 31 -18.14 17.39 -28.81
C ARG A 31 -17.55 17.08 -30.18
N GLU A 32 -17.79 17.95 -31.16
CA GLU A 32 -17.24 17.69 -32.52
C GLU A 32 -15.71 17.65 -32.42
N PHE A 33 -15.13 18.59 -31.67
CA PHE A 33 -13.70 18.64 -31.46
C PHE A 33 -13.19 17.34 -30.81
N LEU A 34 -13.80 16.94 -29.70
CA LEU A 34 -13.36 15.74 -29.00
C LEU A 34 -13.41 14.53 -29.93
N ILE A 35 -14.51 14.36 -30.64
CA ILE A 35 -14.69 13.17 -31.47
C ILE A 35 -13.57 13.06 -32.50
N HIS A 36 -13.23 14.18 -33.13
CA HIS A 36 -12.23 14.11 -34.19
C HIS A 36 -10.80 14.13 -33.66
N LYS A 37 -10.55 14.89 -32.59
CA LYS A 37 -9.19 14.97 -32.05
C LYS A 37 -8.82 13.68 -31.32
N VAL A 38 -9.73 13.15 -30.50
CA VAL A 38 -9.40 11.98 -29.69
C VAL A 38 -9.41 10.71 -30.53
N ALA A 39 -10.24 10.65 -31.59
CA ALA A 39 -10.18 9.50 -32.49
C ALA A 39 -8.80 9.37 -33.14
N ALA A 40 -8.11 10.49 -33.38
CA ALA A 40 -6.81 10.46 -34.04
C ALA A 40 -5.69 10.09 -33.07
N THR A 41 -5.67 10.67 -31.87
CA THR A 41 -4.61 10.44 -30.91
C THR A 41 -4.86 9.24 -30.01
N GLY A 42 -6.12 8.83 -29.86
CA GLY A 42 -6.49 7.95 -28.78
C GLY A 42 -6.69 8.72 -27.48
N GLY A 43 -7.34 8.07 -26.53
CA GLY A 43 -7.60 8.71 -25.25
C GLY A 43 -9.01 8.41 -24.78
N HIS A 44 -9.39 9.08 -23.69
CA HIS A 44 -10.67 8.78 -22.99
C HIS A 44 -11.83 9.59 -23.59
N LEU A 45 -12.23 9.20 -24.79
CA LEU A 45 -13.29 9.94 -25.47
C LEU A 45 -14.58 9.93 -24.67
N GLY A 46 -15.07 8.75 -24.29
CA GLY A 46 -16.38 8.64 -23.68
C GLY A 46 -16.54 9.43 -22.41
N PRO A 47 -15.60 9.26 -21.47
CA PRO A 47 -15.70 10.02 -20.21
C PRO A 47 -15.68 11.52 -20.40
N ASN A 48 -14.98 12.00 -21.42
CA ASN A 48 -14.94 13.44 -21.65
C ASN A 48 -16.20 13.95 -22.33
N LEU A 49 -16.73 13.19 -23.30
CA LEU A 49 -18.03 13.58 -23.87
C LEU A 49 -19.09 13.70 -22.78
N GLY A 50 -18.99 12.89 -21.72
CA GLY A 50 -19.97 12.91 -20.65
C GLY A 50 -19.93 14.14 -19.77
N VAL A 51 -18.82 14.89 -19.78
CA VAL A 51 -18.67 16.01 -18.85
C VAL A 51 -18.61 17.36 -19.56
N VAL A 52 -19.11 17.46 -20.80
CA VAL A 52 -19.04 18.74 -21.51
C VAL A 52 -19.84 19.80 -20.76
N GLU A 53 -21.12 19.52 -20.47
CA GLU A 53 -21.95 20.49 -19.77
C GLU A 53 -21.50 20.67 -18.32
N LEU A 54 -21.09 19.59 -17.66
CA LEU A 54 -20.59 19.70 -16.30
C LEU A 54 -19.38 20.62 -16.23
N THR A 55 -18.45 20.49 -17.18
CA THR A 55 -17.23 21.29 -17.13
C THR A 55 -17.53 22.74 -17.45
N LEU A 56 -18.39 22.99 -18.44
CA LEU A 56 -18.85 24.36 -18.69
C LEU A 56 -19.43 24.96 -17.42
N ALA A 57 -20.29 24.21 -16.73
CA ALA A 57 -20.95 24.76 -15.54
C ALA A 57 -19.93 25.06 -14.46
N LEU A 58 -18.94 24.20 -14.31
CA LEU A 58 -17.94 24.42 -13.24
C LEU A 58 -17.20 25.72 -13.51
N HIS A 59 -16.85 25.97 -14.76
CA HIS A 59 -16.02 27.16 -15.11
C HIS A 59 -16.91 28.40 -15.27
N ARG A 60 -18.23 28.22 -15.18
CA ARG A 60 -19.15 29.38 -15.21
C ARG A 60 -19.46 29.79 -13.76
N VAL A 61 -19.33 28.88 -12.81
CA VAL A 61 -19.69 29.16 -11.42
C VAL A 61 -18.46 29.42 -10.56
N PHE A 62 -17.36 28.73 -10.81
CA PHE A 62 -16.19 28.84 -9.95
C PHE A 62 -15.07 29.58 -10.67
N ASP A 63 -14.19 30.17 -9.86
CA ASP A 63 -13.06 31.01 -10.35
C ASP A 63 -11.73 30.27 -10.15
N SER A 64 -11.43 29.36 -11.07
CA SER A 64 -10.17 28.56 -11.07
C SER A 64 -8.99 29.51 -11.31
N PRO A 65 -7.85 29.34 -10.61
CA PRO A 65 -7.65 28.29 -9.62
C PRO A 65 -7.84 28.80 -8.18
N HIS A 66 -8.31 30.03 -8.06
CA HIS A 66 -8.67 30.52 -6.73
C HIS A 66 -9.65 29.56 -6.06
N ASP A 67 -10.64 29.09 -6.82
CA ASP A 67 -11.42 27.90 -6.46
C ASP A 67 -10.77 26.72 -7.13
N PRO A 68 -10.05 25.86 -6.42
CA PRO A 68 -9.44 24.69 -7.07
C PRO A 68 -10.51 23.73 -7.56
N ILE A 69 -10.38 23.30 -8.81
CA ILE A 69 -11.22 22.27 -9.41
C ILE A 69 -10.35 21.03 -9.53
N ILE A 70 -10.60 20.09 -8.62
N ILE A 70 -10.60 20.09 -8.62
CA ILE A 70 -9.78 18.85 -8.56
CA ILE A 70 -9.77 18.85 -8.57
C ILE A 70 -10.54 17.71 -9.23
C ILE A 70 -10.53 17.70 -9.22
N PHE A 71 -9.96 17.16 -10.29
CA PHE A 71 -10.55 16.02 -10.97
C PHE A 71 -10.04 14.72 -10.36
N ASP A 72 -10.96 13.89 -9.86
CA ASP A 72 -10.59 12.55 -9.44
C ASP A 72 -10.26 11.72 -10.66
N THR A 73 -9.11 11.04 -10.60
CA THR A 73 -8.60 10.20 -11.67
C THR A 73 -8.01 11.04 -12.79
N GLY A 74 -8.75 12.03 -13.29
CA GLY A 74 -8.15 13.03 -14.15
C GLY A 74 -8.18 12.71 -15.63
N HIS A 75 -8.75 11.56 -16.00
CA HIS A 75 -8.87 11.17 -17.40
C HIS A 75 -9.96 11.95 -18.11
N GLN A 76 -10.78 12.66 -17.33
CA GLN A 76 -11.99 13.36 -17.87
C GLN A 76 -11.83 14.88 -17.83
N ALA A 77 -10.59 15.35 -17.94
CA ALA A 77 -10.31 16.81 -17.87
C ALA A 77 -9.95 17.40 -19.23
N TYR A 78 -10.28 16.71 -20.33
CA TYR A 78 -10.00 17.31 -21.66
C TYR A 78 -10.79 18.62 -21.81
N VAL A 79 -12.08 18.61 -21.44
CA VAL A 79 -12.85 19.83 -21.65
C VAL A 79 -12.30 20.93 -20.77
N HIS A 80 -11.91 20.58 -19.54
CA HIS A 80 -11.23 21.52 -18.66
C HIS A 80 -10.02 22.14 -19.35
N LYS A 81 -9.21 21.30 -20.02
CA LYS A 81 -8.02 21.83 -20.71
C LYS A 81 -8.43 22.71 -21.89
N MET A 82 -9.51 22.36 -22.61
CA MET A 82 -9.90 23.18 -23.76
C MET A 82 -10.37 24.55 -23.31
N LEU A 83 -10.95 24.65 -22.11
CA LEU A 83 -11.44 25.91 -21.58
C LEU A 83 -10.39 26.71 -20.83
N THR A 84 -9.17 26.17 -20.71
CA THR A 84 -8.07 26.80 -20.01
C THR A 84 -6.86 26.92 -20.93
N GLY A 85 -7.09 27.32 -22.18
CA GLY A 85 -6.01 27.78 -23.04
C GLY A 85 -5.30 26.71 -23.81
N ARG A 86 -5.78 25.47 -23.80
CA ARG A 86 -5.02 24.35 -24.37
C ARG A 86 -5.76 23.67 -25.52
N SER A 87 -6.79 24.31 -26.09
CA SER A 87 -7.54 23.66 -27.17
C SER A 87 -6.69 23.46 -28.42
N GLN A 88 -5.69 24.32 -28.64
CA GLN A 88 -4.85 24.20 -29.81
C GLN A 88 -3.74 23.16 -29.66
N ASP A 89 -3.70 22.44 -28.53
CA ASP A 89 -2.63 21.50 -28.25
C ASP A 89 -3.03 20.05 -28.41
N PHE A 90 -4.25 19.77 -28.89
CA PHE A 90 -4.75 18.40 -28.85
C PHE A 90 -4.24 17.52 -29.98
N ALA A 91 -3.63 18.10 -31.02
CA ALA A 91 -2.97 17.27 -32.02
C ALA A 91 -1.88 16.42 -31.40
N THR A 92 -1.30 16.88 -30.28
CA THR A 92 -0.21 16.19 -29.58
C THR A 92 -0.68 15.36 -28.39
N LEU A 93 -1.99 15.18 -28.22
CA LEU A 93 -2.51 14.53 -27.02
C LEU A 93 -1.87 13.16 -26.82
N ARG A 94 -1.31 12.97 -25.62
CA ARG A 94 -0.76 11.68 -25.18
C ARG A 94 0.44 11.23 -25.99
N LYS A 95 1.04 12.13 -26.77
CA LYS A 95 2.28 11.87 -27.48
C LYS A 95 3.47 12.40 -26.69
N LYS A 96 4.64 11.80 -26.91
CA LYS A 96 5.84 12.30 -26.25
C LYS A 96 6.00 13.79 -26.53
N GLY A 97 6.23 14.56 -25.47
CA GLY A 97 6.35 16.00 -25.57
C GLY A 97 5.06 16.74 -25.79
N GLY A 98 3.93 16.03 -25.87
CA GLY A 98 2.65 16.66 -26.13
C GLY A 98 1.80 16.79 -24.88
N LEU A 99 0.53 17.15 -25.11
CA LEU A 99 -0.41 17.34 -24.02
C LEU A 99 -0.58 16.05 -23.23
N SER A 100 -0.48 16.13 -21.90
CA SER A 100 -0.71 14.97 -21.06
C SER A 100 -2.17 14.52 -21.11
N GLY A 101 -2.39 13.21 -20.98
CA GLY A 101 -3.73 12.66 -20.82
C GLY A 101 -4.37 12.91 -19.47
N TYR A 102 -3.66 13.56 -18.55
CA TYR A 102 -4.13 13.88 -17.22
C TYR A 102 -3.75 15.32 -16.93
N PRO A 103 -4.37 15.96 -15.93
CA PRO A 103 -3.94 17.31 -15.56
C PRO A 103 -2.44 17.36 -15.27
N SER A 104 -1.84 18.53 -15.53
CA SER A 104 -0.40 18.73 -15.38
C SER A 104 -0.16 20.12 -14.83
N ARG A 105 0.48 20.19 -13.66
CA ARG A 105 0.75 21.49 -13.06
C ARG A 105 1.72 22.29 -13.92
N ALA A 106 2.57 21.61 -14.69
CA ALA A 106 3.50 22.34 -15.55
C ALA A 106 2.78 22.92 -16.75
N GLU A 107 1.67 22.32 -17.16
CA GLU A 107 0.88 22.89 -18.29
C GLU A 107 0.02 24.08 -17.84
N SER A 108 -0.50 24.06 -16.61
CA SER A 108 -1.46 25.11 -16.23
C SER A 108 -1.62 25.34 -14.74
N GLU A 109 -1.91 26.57 -14.34
N GLU A 109 -1.89 26.57 -14.35
CA GLU A 109 -2.17 26.87 -12.91
CA GLU A 109 -2.18 26.88 -12.92
C GLU A 109 -3.55 26.30 -12.58
C GLU A 109 -3.56 26.31 -12.59
N HIS A 110 -4.32 25.91 -13.60
CA HIS A 110 -5.69 25.40 -13.38
C HIS A 110 -5.65 23.92 -13.02
N ASP A 111 -4.46 23.31 -13.10
CA ASP A 111 -4.30 21.85 -12.87
C ASP A 111 -3.59 21.61 -11.54
N TRP A 112 -4.10 20.69 -10.72
CA TRP A 112 -3.55 20.47 -9.37
C TRP A 112 -3.00 19.05 -9.18
N VAL A 113 -3.76 18.04 -9.58
CA VAL A 113 -3.39 16.66 -9.28
C VAL A 113 -3.07 15.93 -10.57
N GLU A 114 -1.88 15.35 -10.64
CA GLU A 114 -1.40 14.62 -11.80
C GLU A 114 -1.55 13.11 -11.69
N SER A 115 -1.80 12.58 -10.50
CA SER A 115 -1.95 11.13 -10.36
C SER A 115 -3.25 10.64 -10.98
N SER A 116 -3.16 9.56 -11.76
CA SER A 116 -4.36 8.93 -12.30
C SER A 116 -4.96 7.93 -11.35
N HIS A 117 -4.34 7.67 -10.21
CA HIS A 117 -4.91 6.67 -9.32
C HIS A 117 -6.18 7.22 -8.67
N ALA A 118 -7.26 6.47 -8.83
CA ALA A 118 -8.60 6.97 -8.55
C ALA A 118 -8.88 7.11 -7.05
N SER A 119 -9.88 7.94 -6.74
CA SER A 119 -10.53 8.08 -5.44
C SER A 119 -9.78 8.97 -4.45
N ALA A 120 -8.72 9.65 -4.90
CA ALA A 120 -7.87 10.50 -4.06
C ALA A 120 -8.29 11.96 -4.02
N ALA A 121 -9.18 12.40 -4.91
CA ALA A 121 -9.45 13.85 -5.02
C ALA A 121 -9.98 14.44 -3.73
N LEU A 122 -10.89 13.73 -3.05
CA LEU A 122 -11.48 14.30 -1.85
C LEU A 122 -10.46 14.46 -0.75
N SER A 123 -9.46 13.57 -0.72
CA SER A 123 -8.41 13.69 0.29
C SER A 123 -7.51 14.90 0.02
N TYR A 124 -7.16 15.13 -1.24
CA TYR A 124 -6.49 16.37 -1.58
C TYR A 124 -7.34 17.56 -1.15
N ALA A 125 -8.65 17.48 -1.43
CA ALA A 125 -9.53 18.61 -1.18
C ALA A 125 -9.57 18.96 0.30
N ASP A 126 -9.62 17.94 1.16
CA ASP A 126 -9.62 18.17 2.59
C ASP A 126 -8.34 18.90 3.01
N GLY A 127 -7.19 18.42 2.54
CA GLY A 127 -5.93 19.05 2.87
C GLY A 127 -5.83 20.48 2.35
N LEU A 128 -6.29 20.72 1.12
CA LEU A 128 -6.24 22.07 0.56
C LEU A 128 -7.13 23.04 1.33
N ALA A 129 -8.34 22.62 1.66
CA ALA A 129 -9.23 23.45 2.48
C ALA A 129 -8.62 23.76 3.83
N LYS A 130 -8.02 22.76 4.47
CA LYS A 130 -7.31 22.99 5.72
C LYS A 130 -6.19 24.01 5.53
N ALA A 131 -5.44 23.90 4.43
CA ALA A 131 -4.33 24.81 4.21
C ALA A 131 -4.84 26.24 4.04
N PHE A 132 -5.90 26.43 3.25
CA PHE A 132 -6.40 27.79 3.00
C PHE A 132 -6.87 28.45 4.29
N GLU A 133 -7.43 27.67 5.21
CA GLU A 133 -7.78 28.21 6.51
C GLU A 133 -6.53 28.58 7.31
N LEU A 134 -5.54 27.70 7.32
CA LEU A 134 -4.31 27.95 8.07
C LEU A 134 -3.52 29.14 7.52
N THR A 135 -3.61 29.42 6.23
CA THR A 135 -2.88 30.57 5.67
C THR A 135 -3.77 31.79 5.50
N GLY A 136 -5.03 31.71 5.93
CA GLY A 136 -5.88 32.87 5.94
C GLY A 136 -6.25 33.40 4.58
N HIS A 137 -6.33 32.52 3.57
CA HIS A 137 -6.82 32.93 2.25
C HIS A 137 -8.33 33.01 2.25
N ARG A 138 -8.88 34.15 1.79
CA ARG A 138 -10.33 34.37 1.82
C ARG A 138 -11.01 33.72 0.63
N ASN A 139 -12.13 33.02 0.89
CA ASN A 139 -13.15 32.68 -0.13
C ASN A 139 -12.62 31.80 -1.26
N ARG A 140 -11.80 30.82 -0.92
CA ARG A 140 -11.37 29.79 -1.86
C ARG A 140 -12.26 28.57 -1.69
N HIS A 141 -12.94 28.17 -2.77
CA HIS A 141 -13.89 27.06 -2.72
C HIS A 141 -13.30 25.86 -3.45
N VAL A 142 -12.90 24.85 -2.69
CA VAL A 142 -12.38 23.62 -3.27
C VAL A 142 -13.54 22.80 -3.81
N VAL A 143 -13.43 22.38 -5.08
CA VAL A 143 -14.45 21.59 -5.75
C VAL A 143 -13.78 20.30 -6.21
N ALA A 144 -14.29 19.16 -5.74
CA ALA A 144 -13.75 17.86 -6.14
C ALA A 144 -14.76 17.21 -7.06
N VAL A 145 -14.32 16.83 -8.25
CA VAL A 145 -15.18 16.14 -9.21
C VAL A 145 -14.85 14.63 -9.14
N VAL A 146 -15.82 13.83 -8.67
CA VAL A 146 -15.59 12.42 -8.32
C VAL A 146 -16.57 11.56 -9.11
N GLY A 147 -16.04 10.67 -9.96
CA GLY A 147 -16.91 9.75 -10.67
C GLY A 147 -17.55 8.74 -9.74
N ASP A 148 -18.66 8.16 -10.20
CA ASP A 148 -19.34 7.13 -9.41
C ASP A 148 -18.42 5.94 -9.18
N GLY A 149 -17.59 5.59 -10.18
CA GLY A 149 -16.64 4.51 -9.97
C GLY A 149 -15.61 4.85 -8.91
N ALA A 150 -15.05 6.06 -9.00
CA ALA A 150 -14.08 6.46 -7.99
C ALA A 150 -14.70 6.47 -6.60
N LEU A 151 -16.01 6.74 -6.52
CA LEU A 151 -16.68 6.79 -5.23
C LEU A 151 -16.81 5.43 -4.57
N THR A 152 -16.52 4.33 -5.29
CA THR A 152 -16.51 3.03 -4.66
C THR A 152 -15.20 2.75 -3.92
N GLY A 153 -14.24 3.66 -3.96
CA GLY A 153 -12.94 3.44 -3.31
C GLY A 153 -12.96 3.94 -1.88
N GLY A 154 -12.24 3.22 -1.01
CA GLY A 154 -12.27 3.55 0.42
C GLY A 154 -11.74 4.92 0.76
N MET A 155 -10.86 5.44 -0.07
CA MET A 155 -10.28 6.76 0.19
C MET A 155 -11.39 7.80 0.30
N CYS A 156 -12.47 7.64 -0.49
CA CYS A 156 -13.56 8.61 -0.46
C CYS A 156 -14.27 8.61 0.88
N TRP A 157 -14.43 7.44 1.48
CA TRP A 157 -15.08 7.36 2.78
C TRP A 157 -14.24 8.02 3.86
N GLU A 158 -12.93 7.75 3.87
CA GLU A 158 -12.04 8.42 4.81
C GLU A 158 -12.12 9.92 4.62
N ALA A 159 -12.09 10.38 3.37
CA ALA A 159 -12.10 11.82 3.14
C ALA A 159 -13.45 12.43 3.52
N LEU A 160 -14.55 11.79 3.16
CA LEU A 160 -15.85 12.34 3.51
C LEU A 160 -16.03 12.43 5.01
N ASN A 161 -15.60 11.39 5.73
CA ASN A 161 -15.66 11.45 7.23
CA ASN A 161 -15.65 11.47 7.22
C ASN A 161 -14.89 12.68 7.85
N ASN A 162 -13.70 12.91 7.26
CA ASN A 162 -12.93 14.04 7.73
C ASN A 162 -13.56 15.36 7.31
N ILE A 163 -14.00 15.45 6.05
CA ILE A 163 -14.64 16.67 5.57
C ILE A 163 -15.88 16.98 6.41
N ALA A 164 -16.65 15.94 6.77
CA ALA A 164 -17.89 16.17 7.50
C ALA A 164 -17.65 16.66 8.91
N ALA A 165 -16.43 16.53 9.43
CA ALA A 165 -16.12 17.01 10.77
C ALA A 165 -15.90 18.51 10.84
N SER A 166 -15.98 19.22 9.71
CA SER A 166 -15.62 20.63 9.67
C SER A 166 -16.61 21.41 8.84
N ARG A 167 -16.77 22.69 9.15
CA ARG A 167 -17.63 23.54 8.29
C ARG A 167 -16.82 24.10 7.12
N ARG A 168 -15.51 23.81 7.03
CA ARG A 168 -14.73 24.27 5.90
C ARG A 168 -15.41 23.82 4.60
N PRO A 169 -15.63 24.73 3.65
CA PRO A 169 -16.41 24.36 2.45
C PRO A 169 -15.59 23.49 1.51
N VAL A 170 -16.10 22.30 1.26
CA VAL A 170 -15.67 21.46 0.14
C VAL A 170 -16.93 21.09 -0.62
N ILE A 171 -16.93 21.30 -1.93
CA ILE A 171 -18.09 20.92 -2.79
C ILE A 171 -17.76 19.60 -3.47
N ILE A 172 -18.52 18.56 -3.14
CA ILE A 172 -18.28 17.21 -3.69
C ILE A 172 -19.22 17.02 -4.87
N VAL A 173 -18.67 17.11 -6.08
CA VAL A 173 -19.48 16.89 -7.30
C VAL A 173 -19.34 15.43 -7.70
N VAL A 174 -20.41 14.66 -7.53
CA VAL A 174 -20.39 13.26 -7.95
C VAL A 174 -20.84 13.21 -9.40
N ASN A 175 -19.93 12.83 -10.29
CA ASN A 175 -20.19 12.72 -11.71
C ASN A 175 -20.62 11.27 -11.95
N ASP A 176 -21.93 11.04 -11.94
CA ASP A 176 -22.48 9.68 -11.88
C ASP A 176 -22.99 9.29 -13.26
N ASN A 177 -22.25 8.42 -13.96
CA ASN A 177 -22.73 7.91 -15.23
C ASN A 177 -22.99 6.40 -15.15
N GLY A 178 -23.17 5.89 -13.95
CA GLY A 178 -23.51 4.50 -13.74
C GLY A 178 -25.00 4.25 -13.60
N ARG A 179 -25.81 5.28 -13.80
CA ARG A 179 -27.26 5.20 -13.66
C ARG A 179 -27.89 6.14 -14.67
N SER A 180 -29.15 5.85 -15.01
CA SER A 180 -29.89 6.76 -15.91
C SER A 180 -30.46 7.88 -15.05
N TYR A 181 -30.71 9.04 -15.64
CA TYR A 181 -31.22 10.18 -14.90
C TYR A 181 -32.66 9.92 -14.45
N GLY A 198 -23.81 -0.02 -13.67
CA GLY A 198 -23.04 1.08 -14.22
C GLY A 198 -21.66 1.18 -13.63
N GLY A 199 -21.50 0.67 -12.41
CA GLY A 199 -20.24 0.69 -11.71
C GLY A 199 -20.11 1.65 -10.54
N GLY A 200 -21.21 2.17 -10.02
CA GLY A 200 -21.16 3.10 -8.93
C GLY A 200 -21.47 2.43 -7.60
N PRO A 201 -21.55 3.23 -6.55
CA PRO A 201 -21.78 2.66 -5.21
C PRO A 201 -23.16 2.01 -5.10
N GLN A 202 -23.19 0.88 -4.39
CA GLN A 202 -24.47 0.32 -4.00
C GLN A 202 -25.04 1.03 -2.78
N LEU A 203 -24.17 1.62 -1.97
CA LEU A 203 -24.57 2.37 -0.80
C LEU A 203 -25.17 3.73 -1.17
N LEU A 204 -26.15 4.16 -0.39
CA LEU A 204 -26.72 5.48 -0.57
C LEU A 204 -25.80 6.54 0.01
N PHE A 205 -25.69 7.67 -0.69
CA PHE A 205 -24.96 8.80 -0.12
C PHE A 205 -25.84 10.05 -0.03
N THR A 206 -27.17 9.83 0.03
CA THR A 206 -28.14 10.92 0.23
C THR A 206 -28.28 11.32 1.69
N ASP A 207 -27.87 10.47 2.62
CA ASP A 207 -28.22 10.61 4.03
C ASP A 207 -27.03 10.27 4.92
N LEU A 208 -25.85 10.75 4.56
CA LEU A 208 -24.62 10.52 5.31
C LEU A 208 -24.40 11.54 6.41
N GLY A 209 -25.27 12.53 6.53
CA GLY A 209 -25.01 13.68 7.37
C GLY A 209 -24.46 14.88 6.64
N LEU A 210 -24.17 14.73 5.34
CA LEU A 210 -23.75 15.84 4.49
C LEU A 210 -24.93 16.27 3.63
N LYS A 211 -25.13 17.57 3.50
CA LYS A 211 -26.13 18.11 2.61
C LYS A 211 -25.99 17.48 1.22
N TYR A 212 -27.11 17.06 0.65
CA TYR A 212 -27.17 16.41 -0.65
C TYR A 212 -28.07 17.19 -1.60
N VAL A 213 -27.54 17.49 -2.77
CA VAL A 213 -28.28 18.20 -3.84
C VAL A 213 -28.33 17.31 -5.09
N GLY A 214 -29.54 17.07 -5.59
CA GLY A 214 -29.75 16.29 -6.81
C GLY A 214 -30.83 15.24 -6.66
N PRO A 215 -30.94 14.26 -7.59
CA PRO A 215 -29.98 14.15 -8.70
C PRO A 215 -30.21 15.22 -9.78
N VAL A 216 -29.13 15.77 -10.33
CA VAL A 216 -29.17 16.82 -11.34
C VAL A 216 -28.91 16.19 -12.70
N ASP A 217 -29.66 16.63 -13.70
CA ASP A 217 -29.39 16.22 -15.08
C ASP A 217 -28.11 16.91 -15.53
N GLY A 218 -27.02 16.15 -15.58
CA GLY A 218 -25.73 16.70 -15.92
C GLY A 218 -25.55 17.12 -17.37
N HIS A 219 -26.55 16.93 -18.23
CA HIS A 219 -26.51 17.49 -19.57
C HIS A 219 -27.45 18.68 -19.71
N ASP A 220 -28.05 19.12 -18.62
CA ASP A 220 -28.78 20.39 -18.54
C ASP A 220 -27.81 21.40 -17.91
N GLU A 221 -27.10 22.15 -18.77
CA GLU A 221 -26.01 22.98 -18.27
C GLU A 221 -26.48 23.98 -17.22
N ARG A 222 -27.65 24.59 -17.43
N ARG A 222 -27.66 24.57 -17.44
CA ARG A 222 -28.14 25.59 -16.45
CA ARG A 222 -28.15 25.59 -16.47
C ARG A 222 -28.52 24.92 -15.14
C ARG A 222 -28.51 24.91 -15.15
N ALA A 223 -29.13 23.73 -15.20
CA ALA A 223 -29.44 23.02 -13.95
C ALA A 223 -28.17 22.72 -13.15
N VAL A 224 -27.08 22.36 -13.85
CA VAL A 224 -25.84 22.10 -13.11
C VAL A 224 -25.35 23.36 -12.42
N GLU A 225 -25.41 24.51 -13.14
CA GLU A 225 -25.01 25.78 -12.52
C GLU A 225 -25.88 26.12 -11.32
N VAL A 226 -27.20 25.93 -11.43
CA VAL A 226 -28.08 26.23 -10.30
C VAL A 226 -27.67 25.42 -9.08
N ALA A 227 -27.43 24.12 -9.28
CA ALA A 227 -27.03 23.27 -8.17
C ALA A 227 -25.66 23.68 -7.61
N LEU A 228 -24.70 23.97 -8.48
CA LEU A 228 -23.39 24.40 -8.01
C LEU A 228 -23.48 25.71 -7.24
N ARG A 229 -24.33 26.63 -7.71
CA ARG A 229 -24.47 27.90 -7.01
C ARG A 229 -25.09 27.69 -5.63
N SER A 230 -26.07 26.79 -5.53
CA SER A 230 -26.67 26.49 -4.24
C SER A 230 -25.64 25.90 -3.30
N ALA A 231 -24.79 25.02 -3.83
CA ALA A 231 -23.78 24.41 -2.99
C ALA A 231 -22.80 25.46 -2.47
N ARG A 232 -22.37 26.35 -3.35
CA ARG A 232 -21.42 27.41 -2.91
C ARG A 232 -22.09 28.27 -1.83
N ARG A 233 -23.37 28.62 -2.02
CA ARG A 233 -24.08 29.50 -1.05
C ARG A 233 -24.17 28.84 0.32
N PHE A 234 -24.34 27.51 0.36
CA PHE A 234 -24.50 26.81 1.63
C PHE A 234 -23.31 27.05 2.57
N GLY A 235 -22.10 27.16 2.03
CA GLY A 235 -20.97 27.58 2.85
C GLY A 235 -20.37 26.51 3.73
N ALA A 236 -20.71 25.26 3.51
CA ALA A 236 -20.18 24.13 4.25
C ALA A 236 -20.12 22.97 3.28
N PRO A 237 -19.59 21.81 3.69
CA PRO A 237 -19.55 20.64 2.82
C PRO A 237 -20.93 20.32 2.22
N VAL A 238 -20.93 19.99 0.93
CA VAL A 238 -22.20 19.66 0.23
C VAL A 238 -21.89 18.69 -0.90
N ILE A 239 -22.77 17.72 -1.09
CA ILE A 239 -22.64 16.78 -2.23
C ILE A 239 -23.58 17.23 -3.33
N VAL A 240 -23.05 17.44 -4.52
CA VAL A 240 -23.88 17.73 -5.68
C VAL A 240 -23.82 16.51 -6.59
N HIS A 241 -24.95 15.82 -6.71
CA HIS A 241 -25.04 14.56 -7.45
C HIS A 241 -25.52 14.85 -8.87
N VAL A 242 -24.62 14.73 -9.84
CA VAL A 242 -24.90 15.03 -11.24
C VAL A 242 -24.91 13.72 -12.01
N VAL A 243 -25.94 13.50 -12.84
CA VAL A 243 -26.05 12.28 -13.64
C VAL A 243 -25.64 12.59 -15.08
N THR A 244 -24.65 11.87 -15.60
CA THR A 244 -24.19 12.08 -16.97
C THR A 244 -24.25 10.77 -17.74
N ARG A 245 -24.12 10.88 -19.06
CA ARG A 245 -24.08 9.71 -19.94
C ARG A 245 -22.69 9.60 -20.56
N LYS A 246 -22.00 8.49 -20.28
CA LYS A 246 -20.72 8.28 -20.93
C LYS A 246 -20.90 8.23 -22.44
N GLY A 247 -20.04 8.95 -23.15
CA GLY A 247 -20.11 9.03 -24.61
C GLY A 247 -21.21 9.90 -25.16
N MET A 248 -21.85 10.73 -24.31
CA MET A 248 -23.01 11.52 -24.71
C MET A 248 -22.73 12.19 -26.05
N GLY A 249 -23.55 11.93 -27.06
CA GLY A 249 -23.37 12.62 -28.35
C GLY A 249 -22.65 11.82 -29.41
N TYR A 250 -22.08 10.67 -29.06
CA TYR A 250 -21.35 9.82 -30.01
C TYR A 250 -21.81 8.38 -29.82
N PRO A 251 -22.74 7.89 -30.64
CA PRO A 251 -23.30 6.55 -30.44
C PRO A 251 -22.23 5.50 -30.27
N PRO A 252 -21.16 5.49 -31.10
CA PRO A 252 -20.15 4.46 -30.99
C PRO A 252 -19.69 4.36 -29.53
N ALA A 253 -19.56 5.50 -28.85
CA ALA A 253 -19.18 5.52 -27.42
C ALA A 253 -20.43 5.43 -26.52
N GLU A 254 -21.60 5.84 -27.03
CA GLU A 254 -22.83 5.87 -26.20
C GLU A 254 -23.98 5.15 -26.93
N GLY A 279 -3.75 -7.84 -32.98
CA GLY A 279 -2.58 -8.69 -32.64
C GLY A 279 -2.80 -9.48 -31.37
N PRO A 280 -2.47 -10.79 -31.30
CA PRO A 280 -2.74 -11.60 -30.10
C PRO A 280 -2.02 -11.06 -28.86
N GLY A 281 -2.76 -10.77 -27.80
CA GLY A 281 -2.15 -10.15 -26.62
C GLY A 281 -1.95 -11.10 -25.46
N TRP A 282 -1.12 -10.69 -24.49
CA TRP A 282 -0.92 -11.50 -23.27
C TRP A 282 -2.26 -11.68 -22.57
N THR A 283 -3.06 -10.62 -22.53
CA THR A 283 -4.33 -10.68 -21.76
C THR A 283 -5.21 -11.84 -22.26
N ALA A 284 -5.35 -11.94 -23.58
CA ALA A 284 -6.19 -13.01 -24.16
C ALA A 284 -5.62 -14.40 -23.83
N THR A 285 -4.29 -14.52 -23.81
CA THR A 285 -3.65 -15.82 -23.45
C THR A 285 -4.01 -16.15 -22.01
N PHE A 286 -3.95 -15.15 -21.14
CA PHE A 286 -4.31 -15.35 -19.72
C PHE A 286 -5.78 -15.76 -19.61
N SER A 287 -6.64 -15.00 -20.30
CA SER A 287 -8.09 -15.27 -20.24
C SER A 287 -8.37 -16.72 -20.64
N ASP A 288 -7.79 -17.16 -21.75
CA ASP A 288 -8.08 -18.53 -22.25
C ASP A 288 -7.51 -19.58 -21.27
N ALA A 289 -6.32 -19.33 -20.75
CA ALA A 289 -5.69 -20.33 -19.86
C ALA A 289 -6.49 -20.44 -18.56
N LEU A 290 -6.95 -19.30 -18.04
CA LEU A 290 -7.68 -19.32 -16.76
C LEU A 290 -8.98 -20.11 -16.93
N ILE A 291 -9.69 -19.83 -18.01
CA ILE A 291 -10.96 -20.56 -18.28
C ILE A 291 -10.65 -22.06 -18.35
N GLY A 292 -9.59 -22.42 -19.08
CA GLY A 292 -9.25 -23.85 -19.23
C GLY A 292 -9.02 -24.53 -17.89
N TYR A 293 -8.27 -23.88 -17.01
CA TYR A 293 -7.98 -24.46 -15.69
C TYR A 293 -9.26 -24.49 -14.82
N ALA A 294 -10.08 -23.44 -14.89
CA ALA A 294 -11.28 -23.34 -14.04
C ALA A 294 -12.37 -24.33 -14.48
N GLN A 295 -12.34 -24.76 -15.74
CA GLN A 295 -13.32 -25.76 -16.22
C GLN A 295 -13.13 -27.05 -15.42
N LYS A 296 -11.88 -27.36 -15.08
CA LYS A 296 -11.58 -28.60 -14.33
C LYS A 296 -11.58 -28.32 -12.82
N ARG A 297 -11.29 -27.10 -12.40
CA ARG A 297 -11.17 -26.79 -10.96
C ARG A 297 -12.25 -25.79 -10.54
N ARG A 298 -13.28 -26.30 -9.86
CA ARG A 298 -14.41 -25.45 -9.45
C ARG A 298 -14.03 -24.53 -8.29
N ASP A 299 -12.85 -24.72 -7.72
CA ASP A 299 -12.42 -23.89 -6.56
C ASP A 299 -11.83 -22.56 -7.05
N ILE A 300 -11.66 -22.42 -8.35
CA ILE A 300 -11.04 -21.16 -8.88
C ILE A 300 -12.11 -20.08 -9.02
N VAL A 301 -11.86 -18.93 -8.42
CA VAL A 301 -12.77 -17.75 -8.57
C VAL A 301 -11.91 -16.59 -9.06
N ALA A 302 -12.54 -15.60 -9.69
CA ALA A 302 -11.79 -14.48 -10.25
C ALA A 302 -12.32 -13.15 -9.67
N ILE A 303 -11.40 -12.23 -9.42
CA ILE A 303 -11.78 -10.91 -8.83
C ILE A 303 -11.13 -9.80 -9.65
N THR A 304 -11.91 -8.78 -9.99
CA THR A 304 -11.34 -7.59 -10.66
C THR A 304 -11.77 -6.34 -9.89
N ALA A 305 -10.91 -5.32 -9.89
CA ALA A 305 -11.30 -4.03 -9.30
C ALA A 305 -11.80 -3.14 -10.43
N ALA A 306 -13.03 -3.39 -10.88
CA ALA A 306 -13.70 -2.52 -11.88
C ALA A 306 -13.13 -2.65 -13.30
N MET A 307 -12.43 -3.73 -13.59
CA MET A 307 -11.82 -3.79 -14.95
C MET A 307 -11.94 -5.21 -15.53
N PRO A 308 -13.14 -5.80 -15.55
CA PRO A 308 -13.32 -7.15 -16.08
C PRO A 308 -12.88 -7.29 -17.55
N GLY A 309 -13.18 -6.27 -18.35
CA GLY A 309 -12.80 -6.35 -19.77
C GLY A 309 -11.29 -6.24 -19.97
N PRO A 310 -10.67 -5.14 -19.51
CA PRO A 310 -9.22 -4.96 -19.64
C PRO A 310 -8.36 -6.10 -19.06
N THR A 311 -8.85 -6.77 -18.01
CA THR A 311 -8.08 -7.84 -17.34
C THR A 311 -8.32 -9.20 -18.01
N GLY A 312 -9.29 -9.25 -18.93
CA GLY A 312 -9.61 -10.51 -19.62
C GLY A 312 -10.55 -11.42 -18.82
N LEU A 313 -11.23 -10.86 -17.82
CA LEU A 313 -12.08 -11.72 -16.95
C LEU A 313 -13.54 -11.75 -17.45
N THR A 314 -13.90 -10.86 -18.37
CA THR A 314 -15.30 -10.82 -18.88
C THR A 314 -15.68 -12.21 -19.42
N ALA A 315 -14.80 -12.81 -20.22
CA ALA A 315 -15.07 -14.14 -20.78
C ALA A 315 -15.16 -15.21 -19.69
N PHE A 316 -14.34 -15.07 -18.64
CA PHE A 316 -14.38 -16.03 -17.52
C PHE A 316 -15.76 -15.99 -16.87
N GLY A 317 -16.28 -14.78 -16.66
CA GLY A 317 -17.58 -14.62 -16.01
C GLY A 317 -18.71 -15.11 -16.90
N GLN A 318 -18.53 -14.98 -18.20
CA GLN A 318 -19.56 -15.49 -19.14
C GLN A 318 -19.65 -17.02 -18.99
N ARG A 319 -18.53 -17.69 -18.80
CA ARG A 319 -18.54 -19.16 -18.63
C ARG A 319 -18.92 -19.53 -17.19
N PHE A 320 -18.46 -18.75 -16.22
CA PHE A 320 -18.69 -19.07 -14.79
C PHE A 320 -19.21 -17.82 -14.07
N PRO A 321 -20.46 -17.41 -14.33
CA PRO A 321 -20.98 -16.13 -13.79
C PRO A 321 -20.92 -16.03 -12.26
N ASP A 322 -21.04 -17.15 -11.57
CA ASP A 322 -21.04 -17.16 -10.08
C ASP A 322 -19.61 -17.07 -9.51
N ARG A 323 -18.60 -17.11 -10.38
CA ARG A 323 -17.21 -17.17 -9.86
C ARG A 323 -16.42 -15.92 -10.27
N LEU A 324 -17.10 -14.92 -10.82
CA LEU A 324 -16.42 -13.63 -11.13
C LEU A 324 -17.00 -12.55 -10.22
N PHE A 325 -16.12 -11.84 -9.50
CA PHE A 325 -16.57 -10.74 -8.63
C PHE A 325 -15.90 -9.43 -9.05
N ASP A 326 -16.72 -8.40 -9.29
CA ASP A 326 -16.22 -7.03 -9.60
C ASP A 326 -16.48 -6.21 -8.33
N VAL A 327 -15.44 -5.88 -7.59
CA VAL A 327 -15.61 -5.24 -6.25
C VAL A 327 -15.61 -3.71 -6.33
N GLY A 328 -15.64 -3.16 -7.53
CA GLY A 328 -15.50 -1.71 -7.67
C GLY A 328 -14.04 -1.30 -7.75
N ILE A 329 -13.76 0.00 -7.71
CA ILE A 329 -12.35 0.49 -7.69
C ILE A 329 -11.90 0.33 -6.25
N ALA A 330 -11.69 -0.92 -5.85
CA ALA A 330 -11.39 -1.21 -4.44
C ALA A 330 -10.37 -2.34 -4.36
N GLU A 331 -9.14 -2.04 -4.75
CA GLU A 331 -8.07 -3.07 -4.77
C GLU A 331 -7.85 -3.66 -3.37
N GLN A 332 -7.98 -2.83 -2.33
CA GLN A 332 -7.83 -3.38 -0.96
CA GLN A 332 -7.84 -3.34 -0.93
C GLN A 332 -8.86 -4.51 -0.67
N HIS A 333 -10.12 -4.16 -0.95
CA HIS A 333 -11.19 -5.16 -0.69
C HIS A 333 -11.00 -6.37 -1.61
N ALA A 334 -10.57 -6.10 -2.85
CA ALA A 334 -10.31 -7.23 -3.76
C ALA A 334 -9.38 -8.25 -3.09
N MET A 335 -8.31 -7.77 -2.48
CA MET A 335 -7.29 -8.70 -1.91
CA MET A 335 -7.31 -8.80 -1.89
C MET A 335 -7.78 -9.33 -0.60
N THR A 336 -8.43 -8.54 0.24
CA THR A 336 -8.86 -9.06 1.57
C THR A 336 -10.10 -9.96 1.40
N SER A 337 -10.97 -9.63 0.45
CA SER A 337 -12.12 -10.51 0.15
C SER A 337 -11.57 -11.81 -0.45
N ALA A 338 -10.48 -11.71 -1.21
CA ALA A 338 -9.83 -12.92 -1.73
C ALA A 338 -9.33 -13.77 -0.56
N ALA A 339 -8.76 -13.12 0.45
CA ALA A 339 -8.30 -13.85 1.65
C ALA A 339 -9.48 -14.59 2.28
N GLY A 340 -10.62 -13.91 2.36
CA GLY A 340 -11.82 -14.55 2.94
C GLY A 340 -12.27 -15.74 2.10
N LEU A 341 -12.24 -15.58 0.79
CA LEU A 341 -12.63 -16.69 -0.12
C LEU A 341 -11.68 -17.89 0.09
N ALA A 342 -10.40 -17.61 0.25
CA ALA A 342 -9.41 -18.69 0.47
C ALA A 342 -9.64 -19.34 1.83
N MET A 343 -10.02 -18.56 2.84
CA MET A 343 -10.32 -19.13 4.17
C MET A 343 -11.57 -20.02 4.05
N GLY A 344 -12.35 -19.80 3.00
CA GLY A 344 -13.53 -20.64 2.75
C GLY A 344 -13.23 -21.80 1.82
N GLY A 345 -11.97 -22.01 1.47
CA GLY A 345 -11.59 -23.20 0.68
C GLY A 345 -11.35 -22.97 -0.80
N LEU A 346 -11.42 -21.71 -1.23
CA LEU A 346 -11.29 -21.46 -2.68
C LEU A 346 -9.87 -20.95 -3.02
N HIS A 347 -9.57 -20.90 -4.31
CA HIS A 347 -8.27 -20.38 -4.79
C HIS A 347 -8.55 -19.18 -5.69
N PRO A 348 -8.64 -17.99 -5.09
CA PRO A 348 -8.94 -16.80 -5.87
C PRO A 348 -7.82 -16.35 -6.83
N VAL A 349 -8.23 -15.83 -7.98
CA VAL A 349 -7.26 -15.25 -8.96
C VAL A 349 -7.64 -13.78 -9.04
N VAL A 350 -6.78 -12.92 -8.50
CA VAL A 350 -7.06 -11.45 -8.46
C VAL A 350 -6.29 -10.80 -9.60
N ALA A 351 -7.03 -10.31 -10.60
CA ALA A 351 -6.38 -9.64 -11.74
C ALA A 351 -6.46 -8.13 -11.55
N ILE A 352 -5.32 -7.52 -11.25
CA ILE A 352 -5.23 -6.05 -11.07
C ILE A 352 -3.99 -5.56 -11.84
N TYR A 353 -4.17 -4.51 -12.64
CA TYR A 353 -3.01 -3.91 -13.34
C TYR A 353 -1.92 -3.57 -12.33
N SER A 354 -0.66 -3.85 -12.67
CA SER A 354 0.49 -3.69 -11.74
C SER A 354 0.44 -2.40 -10.91
N THR A 355 0.37 -1.25 -11.57
CA THR A 355 0.49 0.03 -10.83
C THR A 355 -0.58 0.12 -9.73
N PHE A 356 -1.79 -0.33 -10.02
CA PHE A 356 -2.89 -0.15 -9.04
C PHE A 356 -2.76 -1.09 -7.84
N LEU A 357 -1.92 -2.13 -7.97
CA LEU A 357 -1.75 -3.10 -6.86
C LEU A 357 -1.04 -2.42 -5.68
N ASN A 358 -0.38 -1.29 -5.93
CA ASN A 358 0.26 -0.53 -4.83
C ASN A 358 -0.75 -0.29 -3.71
N ARG A 359 -2.01 -0.12 -4.07
CA ARG A 359 -3.05 0.21 -3.06
C ARG A 359 -3.30 -0.98 -2.13
N ALA A 360 -2.92 -2.19 -2.54
CA ALA A 360 -3.27 -3.40 -1.75
C ALA A 360 -2.05 -4.01 -1.06
N PHE A 361 -0.96 -3.27 -0.96
CA PHE A 361 0.28 -3.80 -0.35
C PHE A 361 0.01 -4.43 1.02
N ASP A 362 -0.64 -3.68 1.91
CA ASP A 362 -0.83 -4.18 3.30
C ASP A 362 -1.81 -5.35 3.36
N GLN A 363 -2.73 -5.43 2.40
CA GLN A 363 -3.69 -6.56 2.37
C GLN A 363 -2.96 -7.81 1.86
N ILE A 364 -2.08 -7.61 0.88
CA ILE A 364 -1.26 -8.76 0.41
C ILE A 364 -0.42 -9.25 1.59
N MET A 365 0.11 -8.32 2.37
CA MET A 365 1.02 -8.68 3.49
C MET A 365 0.27 -9.28 4.69
N MET A 366 -0.65 -8.53 5.26
CA MET A 366 -1.26 -8.95 6.56
C MET A 366 -2.52 -9.83 6.41
N ASP A 367 -3.19 -9.77 5.26
CA ASP A 367 -4.45 -10.55 5.14
C ASP A 367 -4.21 -11.84 4.36
N VAL A 368 -3.35 -11.78 3.35
CA VAL A 368 -3.12 -12.98 2.49
C VAL A 368 -1.86 -13.74 2.94
N ALA A 369 -0.70 -13.09 2.89
CA ALA A 369 0.57 -13.78 3.22
C ALA A 369 0.65 -14.23 4.69
N LEU A 370 0.23 -13.36 5.60
CA LEU A 370 0.37 -13.74 7.03
C LEU A 370 -0.41 -15.02 7.30
N HIS A 371 -1.51 -15.22 6.57
CA HIS A 371 -2.39 -16.40 6.80
C HIS A 371 -2.04 -17.55 5.85
N LYS A 372 -0.96 -17.40 5.08
CA LYS A 372 -0.49 -18.49 4.19
C LYS A 372 -1.63 -18.94 3.26
N LEU A 373 -2.33 -17.96 2.68
CA LEU A 373 -3.52 -18.29 1.86
C LEU A 373 -3.19 -18.38 0.37
N PRO A 374 -3.80 -19.36 -0.34
CA PRO A 374 -3.56 -19.55 -1.78
C PRO A 374 -4.33 -18.56 -2.67
N VAL A 375 -3.83 -17.34 -2.75
CA VAL A 375 -4.41 -16.30 -3.65
C VAL A 375 -3.39 -16.06 -4.77
N THR A 376 -3.85 -16.18 -6.02
CA THR A 376 -2.95 -15.87 -7.15
C THR A 376 -3.26 -14.46 -7.69
N MET A 377 -2.24 -13.63 -7.79
CA MET A 377 -2.41 -12.26 -8.31
C MET A 377 -1.90 -12.24 -9.76
N VAL A 378 -2.69 -11.65 -10.66
CA VAL A 378 -2.27 -11.57 -12.09
C VAL A 378 -2.09 -10.08 -12.42
N LEU A 379 -0.84 -9.65 -12.58
N LEU A 379 -0.85 -9.65 -12.59
CA LEU A 379 -0.57 -8.21 -12.84
CA LEU A 379 -0.57 -8.21 -12.84
C LEU A 379 -0.32 -7.96 -14.32
C LEU A 379 -0.32 -7.95 -14.32
N ASP A 380 -1.33 -7.46 -15.02
CA ASP A 380 -1.18 -7.12 -16.45
C ASP A 380 -0.61 -5.69 -16.47
N ARG A 381 -0.20 -5.20 -17.64
CA ARG A 381 0.34 -3.82 -17.74
C ARG A 381 1.53 -3.69 -16.78
N ALA A 382 2.26 -4.79 -16.61
CA ALA A 382 3.50 -4.72 -15.80
C ALA A 382 4.63 -4.17 -16.67
N GLY A 383 5.54 -3.42 -16.06
CA GLY A 383 6.60 -2.76 -16.84
C GLY A 383 6.10 -1.47 -17.46
N ILE A 384 6.87 -0.93 -18.39
CA ILE A 384 6.50 0.37 -18.98
C ILE A 384 5.20 0.24 -19.77
N THR A 385 4.26 1.17 -19.54
CA THR A 385 3.02 1.24 -20.36
C THR A 385 3.18 2.47 -21.25
N GLY A 386 3.85 3.51 -20.74
CA GLY A 386 4.18 4.69 -21.57
C GLY A 386 3.17 5.80 -21.74
N SER A 387 2.15 5.60 -22.56
CA SER A 387 1.20 6.70 -22.89
CA SER A 387 1.21 6.71 -22.89
C SER A 387 0.38 7.38 -21.78
N ASP A 388 0.21 6.67 -20.67
CA ASP A 388 -0.60 7.22 -19.56
C ASP A 388 0.30 7.87 -18.51
N GLY A 389 1.60 7.95 -18.81
CA GLY A 389 2.49 8.69 -17.90
C GLY A 389 2.96 7.95 -16.67
N ALA A 390 3.57 8.69 -15.76
CA ALA A 390 4.23 8.10 -14.58
C ALA A 390 3.31 7.26 -13.69
N SER A 391 2.05 7.68 -13.54
CA SER A 391 1.15 6.98 -12.58
C SER A 391 0.56 5.70 -13.16
N HIS A 392 0.94 5.33 -14.38
CA HIS A 392 0.35 4.11 -15.02
C HIS A 392 1.40 3.01 -15.22
N ASN A 393 2.66 3.41 -15.35
CA ASN A 393 3.74 2.40 -15.60
C ASN A 393 3.72 1.36 -14.47
N GLY A 394 3.75 0.08 -14.82
CA GLY A 394 3.75 -0.98 -13.81
C GLY A 394 5.17 -1.32 -13.41
N MET A 395 5.88 -0.35 -12.83
CA MET A 395 7.33 -0.54 -12.59
C MET A 395 7.66 -0.77 -11.10
N TRP A 396 6.66 -1.06 -10.27
CA TRP A 396 6.92 -1.19 -8.81
C TRP A 396 6.66 -2.61 -8.29
N ASP A 397 5.98 -3.45 -9.06
CA ASP A 397 5.48 -4.73 -8.48
C ASP A 397 6.59 -5.68 -7.99
N LEU A 398 7.71 -5.80 -8.73
CA LEU A 398 8.72 -6.79 -8.28
C LEU A 398 9.34 -6.28 -6.98
N SER A 399 9.43 -4.96 -6.85
CA SER A 399 10.04 -4.37 -5.63
C SER A 399 9.05 -4.50 -4.46
N MET A 400 7.78 -4.21 -4.71
CA MET A 400 6.78 -4.25 -3.61
C MET A 400 6.55 -5.70 -3.18
N LEU A 401 6.34 -6.59 -4.15
CA LEU A 401 6.01 -7.99 -3.80
C LEU A 401 7.21 -8.65 -3.09
N GLY A 402 8.43 -8.17 -3.38
CA GLY A 402 9.64 -8.77 -2.78
C GLY A 402 9.69 -8.62 -1.27
N ILE A 403 8.94 -7.65 -0.73
CA ILE A 403 8.93 -7.41 0.74
C ILE A 403 8.05 -8.47 1.41
N VAL A 404 7.17 -9.08 0.64
CA VAL A 404 6.19 -10.04 1.24
C VAL A 404 6.88 -11.35 1.59
N PRO A 405 6.93 -11.71 2.88
CA PRO A 405 7.52 -12.97 3.27
C PRO A 405 6.98 -14.19 2.51
N GLY A 406 7.89 -14.99 1.95
CA GLY A 406 7.52 -16.27 1.31
C GLY A 406 6.87 -16.16 -0.04
N ILE A 407 6.78 -14.95 -0.58
CA ILE A 407 6.01 -14.81 -1.85
C ILE A 407 6.67 -15.56 -3.01
N ARG A 408 5.84 -16.04 -3.93
CA ARG A 408 6.35 -16.69 -5.16
C ARG A 408 5.87 -15.82 -6.32
N VAL A 409 6.81 -15.29 -7.10
CA VAL A 409 6.43 -14.37 -8.20
C VAL A 409 7.02 -14.87 -9.52
N ALA A 410 6.15 -14.94 -10.54
CA ALA A 410 6.59 -15.40 -11.88
C ALA A 410 6.45 -14.27 -12.90
N ALA A 411 7.33 -14.28 -13.89
CA ALA A 411 7.26 -13.29 -14.98
C ALA A 411 7.33 -14.06 -16.30
N PRO A 412 6.17 -14.39 -16.90
CA PRO A 412 6.15 -15.08 -18.18
C PRO A 412 6.97 -14.39 -19.28
N ARG A 413 7.71 -15.20 -20.03
CA ARG A 413 8.53 -14.68 -21.14
C ARG A 413 7.75 -14.78 -22.44
N ASP A 414 6.69 -15.59 -22.45
CA ASP A 414 5.92 -15.83 -23.69
C ASP A 414 4.57 -16.49 -23.36
N ALA A 415 3.79 -16.82 -24.39
CA ALA A 415 2.42 -17.34 -24.14
C ALA A 415 2.45 -18.69 -23.42
N THR A 416 3.29 -19.60 -23.90
CA THR A 416 3.34 -20.96 -23.29
C THR A 416 3.74 -20.83 -21.81
N ARG A 417 4.67 -19.93 -21.51
CA ARG A 417 5.15 -19.79 -20.12
C ARG A 417 4.07 -19.09 -19.27
N LEU A 418 3.26 -18.21 -19.88
CA LEU A 418 2.14 -17.61 -19.12
C LEU A 418 1.19 -18.75 -18.74
N ARG A 419 0.84 -19.58 -19.70
CA ARG A 419 -0.06 -20.74 -19.42
CA ARG A 419 -0.06 -20.73 -19.43
C ARG A 419 0.52 -21.69 -18.37
N GLU A 420 1.81 -22.07 -18.45
N GLU A 420 1.78 -22.13 -18.44
CA GLU A 420 2.44 -23.01 -17.49
CA GLU A 420 2.39 -23.09 -17.47
C GLU A 420 2.51 -22.36 -16.10
C GLU A 420 2.50 -22.46 -16.09
N GLU A 421 3.01 -21.14 -16.09
CA GLU A 421 3.25 -20.50 -14.75
C GLU A 421 1.90 -20.23 -14.07
N LEU A 422 0.86 -19.92 -14.82
CA LEU A 422 -0.47 -19.76 -14.19
C LEU A 422 -0.90 -21.10 -13.56
N GLY A 423 -0.67 -22.20 -14.27
CA GLY A 423 -1.02 -23.52 -13.72
C GLY A 423 -0.22 -23.82 -12.47
N GLU A 424 1.07 -23.47 -12.48
N GLU A 424 1.08 -23.47 -12.49
CA GLU A 424 1.95 -23.73 -11.32
CA GLU A 424 1.95 -23.73 -11.32
C GLU A 424 1.44 -22.88 -10.14
C GLU A 424 1.46 -22.87 -10.14
N ALA A 425 1.09 -21.62 -10.41
CA ALA A 425 0.58 -20.72 -9.35
C ALA A 425 -0.70 -21.31 -8.74
N LEU A 426 -1.60 -21.80 -9.60
CA LEU A 426 -2.88 -22.35 -9.12
C LEU A 426 -2.64 -23.63 -8.31
N ASP A 427 -1.44 -24.20 -8.44
CA ASP A 427 -1.09 -25.44 -7.71
C ASP A 427 -0.33 -25.09 -6.43
N VAL A 428 -0.08 -23.80 -6.17
CA VAL A 428 0.52 -23.38 -4.87
C VAL A 428 -0.63 -23.16 -3.88
N ASP A 429 -0.76 -24.04 -2.89
CA ASP A 429 -1.92 -24.02 -1.98
C ASP A 429 -1.57 -23.47 -0.60
N ASP A 430 -0.33 -23.01 -0.41
CA ASP A 430 0.08 -22.64 0.97
C ASP A 430 0.54 -21.18 1.05
N GLY A 431 0.17 -20.38 0.05
CA GLY A 431 0.53 -18.97 0.13
C GLY A 431 0.30 -18.24 -1.17
N PRO A 432 0.52 -16.91 -1.17
CA PRO A 432 0.28 -16.11 -2.34
C PRO A 432 1.24 -16.32 -3.51
N THR A 433 0.69 -16.23 -4.72
CA THR A 433 1.52 -16.32 -5.94
C THR A 433 1.20 -15.10 -6.80
N ALA A 434 2.12 -14.70 -7.66
CA ALA A 434 1.81 -13.60 -8.60
C ALA A 434 2.44 -13.83 -9.97
N LEU A 435 1.73 -13.44 -11.01
CA LEU A 435 2.29 -13.46 -12.38
C LEU A 435 2.26 -11.99 -12.84
N ARG A 436 3.29 -11.56 -13.55
CA ARG A 436 3.33 -10.17 -14.05
C ARG A 436 3.78 -10.21 -15.52
N PHE A 437 3.12 -9.41 -16.35
CA PHE A 437 3.45 -9.41 -17.79
C PHE A 437 3.00 -8.06 -18.37
N PRO A 438 3.61 -7.65 -19.50
CA PRO A 438 3.30 -6.34 -20.03
C PRO A 438 2.07 -6.25 -20.92
N LYS A 439 1.69 -5.03 -21.23
CA LYS A 439 0.61 -4.82 -22.22
C LYS A 439 1.13 -5.22 -23.60
N GLY A 440 0.23 -5.30 -24.57
CA GLY A 440 0.66 -5.52 -25.95
C GLY A 440 0.62 -6.93 -26.48
N ASP A 441 1.26 -7.12 -27.63
CA ASP A 441 1.29 -8.45 -28.30
C ASP A 441 2.03 -9.46 -27.43
N VAL A 442 1.49 -10.67 -27.37
CA VAL A 442 2.10 -11.73 -26.51
C VAL A 442 3.46 -12.04 -27.10
N GLY A 443 4.37 -12.47 -26.25
CA GLY A 443 5.71 -12.67 -26.79
C GLY A 443 5.75 -13.95 -27.59
N GLU A 444 6.37 -14.00 -28.75
CA GLU A 444 6.53 -15.27 -29.51
C GLU A 444 7.24 -16.31 -28.65
N ASP A 445 6.82 -17.56 -28.79
CA ASP A 445 7.38 -18.63 -27.94
C ASP A 445 8.86 -18.83 -28.19
N ILE A 446 9.59 -19.04 -27.10
CA ILE A 446 11.03 -19.28 -27.15
C ILE A 446 11.21 -20.56 -26.33
N SER A 447 11.38 -21.71 -26.98
CA SER A 447 11.64 -22.94 -26.24
C SER A 447 13.05 -22.94 -25.65
N ALA A 448 13.18 -23.47 -24.44
CA ALA A 448 14.47 -23.49 -23.76
C ALA A 448 15.35 -24.61 -24.28
N LEU A 449 16.66 -24.38 -24.21
CA LEU A 449 17.62 -25.47 -24.46
C LEU A 449 17.54 -26.54 -23.39
N GLU A 450 17.26 -26.15 -22.15
CA GLU A 450 17.21 -27.08 -21.02
C GLU A 450 16.67 -26.34 -19.81
N ARG A 451 16.11 -27.11 -18.87
CA ARG A 451 15.65 -26.58 -17.60
C ARG A 451 16.56 -27.10 -16.50
N ARG A 452 17.09 -26.19 -15.68
CA ARG A 452 18.06 -26.51 -14.65
C ARG A 452 17.58 -25.90 -13.34
N GLY A 453 17.04 -26.76 -12.47
CA GLY A 453 16.52 -26.32 -11.19
C GLY A 453 15.53 -25.19 -11.34
N GLY A 454 14.49 -25.42 -12.16
CA GLY A 454 13.45 -24.44 -12.40
C GLY A 454 13.80 -23.34 -13.38
N VAL A 455 15.07 -23.12 -13.69
CA VAL A 455 15.49 -22.06 -14.58
C VAL A 455 15.53 -22.58 -16.02
N ASP A 456 15.01 -21.80 -16.97
CA ASP A 456 15.11 -22.15 -18.38
C ASP A 456 16.38 -21.51 -18.96
N VAL A 457 17.26 -22.34 -19.50
CA VAL A 457 18.43 -21.85 -20.22
C VAL A 457 18.00 -21.59 -21.67
N LEU A 458 18.03 -20.33 -22.09
CA LEU A 458 17.62 -19.94 -23.44
C LEU A 458 18.78 -19.89 -24.43
N ALA A 459 20.00 -19.63 -23.97
CA ALA A 459 21.16 -19.61 -24.83
C ALA A 459 22.38 -19.93 -23.98
N ALA A 460 23.33 -20.65 -24.56
CA ALA A 460 24.59 -20.98 -23.92
C ALA A 460 25.74 -20.43 -24.74
N PRO A 461 26.91 -20.28 -24.15
CA PRO A 461 28.06 -19.78 -24.93
C PRO A 461 28.35 -20.70 -26.10
N ALA A 462 28.63 -20.09 -27.25
CA ALA A 462 28.92 -20.88 -28.43
C ALA A 462 30.29 -21.55 -28.29
N ASP A 463 30.52 -22.58 -29.10
CA ASP A 463 31.77 -23.31 -29.03
C ASP A 463 32.95 -22.37 -29.19
N GLY A 464 33.98 -22.58 -28.37
CA GLY A 464 35.13 -21.72 -28.37
C GLY A 464 35.02 -20.53 -27.44
N LEU A 465 33.80 -20.22 -27.01
CA LEU A 465 33.59 -19.11 -26.04
C LEU A 465 33.36 -19.70 -24.65
N ASN A 466 33.63 -18.90 -23.62
CA ASN A 466 33.53 -19.43 -22.26
C ASN A 466 32.30 -18.87 -21.55
N HIS A 467 32.10 -19.33 -20.32
CA HIS A 467 30.96 -18.89 -19.52
C HIS A 467 31.35 -17.56 -18.87
N ASP A 468 31.16 -16.47 -19.61
CA ASP A 468 31.61 -15.18 -19.13
C ASP A 468 30.49 -14.42 -18.40
N VAL A 469 29.34 -14.28 -19.04
CA VAL A 469 28.23 -13.47 -18.50
C VAL A 469 27.00 -14.35 -18.34
N LEU A 470 26.39 -14.32 -17.16
CA LEU A 470 25.07 -14.89 -16.94
C LEU A 470 24.08 -13.75 -17.06
N LEU A 471 23.28 -13.75 -18.12
CA LEU A 471 22.26 -12.72 -18.35
C LEU A 471 20.90 -13.26 -17.91
N VAL A 472 20.41 -12.74 -16.80
CA VAL A 472 19.16 -13.19 -16.18
C VAL A 472 18.05 -12.31 -16.74
N ALA A 473 17.32 -12.85 -17.72
CA ALA A 473 16.31 -12.11 -18.46
C ALA A 473 14.97 -12.28 -17.75
N ILE A 474 14.43 -11.19 -17.22
CA ILE A 474 13.15 -11.26 -16.51
C ILE A 474 12.03 -11.05 -17.53
N GLY A 475 11.12 -12.02 -17.59
CA GLY A 475 9.86 -11.83 -18.27
C GLY A 475 10.00 -11.50 -19.75
N ALA A 476 9.34 -10.41 -20.15
CA ALA A 476 9.22 -10.02 -21.54
C ALA A 476 10.51 -9.49 -22.12
N PHE A 477 11.57 -9.40 -21.33
CA PHE A 477 12.86 -9.00 -21.86
C PHE A 477 13.71 -10.18 -22.35
N ALA A 478 13.12 -11.39 -22.43
CA ALA A 478 13.87 -12.50 -23.02
C ALA A 478 14.35 -12.21 -24.44
N PRO A 479 13.51 -11.71 -25.37
CA PRO A 479 14.02 -11.47 -26.71
C PRO A 479 15.17 -10.48 -26.72
N MET A 480 15.09 -9.44 -25.89
CA MET A 480 16.14 -8.43 -25.89
C MET A 480 17.43 -9.06 -25.38
N ALA A 481 17.32 -9.95 -24.39
CA ALA A 481 18.50 -10.63 -23.85
C ALA A 481 19.14 -11.55 -24.88
N LEU A 482 18.34 -12.25 -25.68
CA LEU A 482 18.92 -13.08 -26.72
C LEU A 482 19.67 -12.25 -27.76
N ALA A 483 19.12 -11.09 -28.13
CA ALA A 483 19.82 -10.19 -29.06
C ALA A 483 21.10 -9.65 -28.45
N VAL A 484 21.07 -9.34 -27.16
CA VAL A 484 22.28 -8.92 -26.47
C VAL A 484 23.33 -10.03 -26.53
N ALA A 485 22.91 -11.27 -26.28
CA ALA A 485 23.86 -12.38 -26.30
C ALA A 485 24.48 -12.55 -27.69
N LYS A 486 23.72 -12.29 -28.73
CA LYS A 486 24.27 -12.46 -30.09
C LYS A 486 25.30 -11.35 -30.36
N ARG A 487 24.97 -10.12 -29.98
CA ARG A 487 25.95 -9.06 -30.16
C ARG A 487 27.24 -9.38 -29.42
N LEU A 488 27.13 -9.84 -28.19
CA LEU A 488 28.32 -10.11 -27.39
C LEU A 488 29.09 -11.31 -27.95
N HIS A 489 28.38 -12.34 -28.42
CA HIS A 489 29.02 -13.41 -29.17
C HIS A 489 29.96 -12.85 -30.24
N ASN A 490 29.47 -11.91 -31.04
CA ASN A 490 30.30 -11.37 -32.12
C ASN A 490 31.55 -10.69 -31.60
N GLN A 491 31.55 -10.26 -30.34
CA GLN A 491 32.71 -9.65 -29.70
C GLN A 491 33.59 -10.66 -28.95
N GLY A 492 33.25 -11.94 -29.00
CA GLY A 492 34.03 -12.94 -28.29
C GLY A 492 33.67 -13.10 -26.83
N ILE A 493 32.49 -12.67 -26.42
CA ILE A 493 32.08 -12.71 -25.02
C ILE A 493 30.97 -13.77 -24.92
N GLY A 494 31.22 -14.81 -24.12
CA GLY A 494 30.28 -15.91 -24.01
C GLY A 494 29.19 -15.62 -22.99
N VAL A 495 27.93 -15.77 -23.42
CA VAL A 495 26.78 -15.41 -22.59
C VAL A 495 25.85 -16.61 -22.44
N THR A 496 25.45 -16.90 -21.20
CA THR A 496 24.32 -17.75 -20.92
C THR A 496 23.13 -16.85 -20.62
N VAL A 497 22.04 -17.02 -21.39
CA VAL A 497 20.78 -16.31 -21.13
C VAL A 497 19.84 -17.28 -20.43
N ILE A 498 19.32 -16.88 -19.26
CA ILE A 498 18.32 -17.69 -18.58
C ILE A 498 17.05 -16.87 -18.34
N ASP A 499 15.94 -17.58 -18.34
CA ASP A 499 14.66 -17.10 -17.81
C ASP A 499 14.40 -17.86 -16.53
N PRO A 500 14.49 -17.20 -15.37
CA PRO A 500 14.30 -17.93 -14.11
C PRO A 500 12.87 -18.40 -13.92
N ARG A 501 11.94 -17.85 -14.71
CA ARG A 501 10.48 -18.16 -14.63
CA ARG A 501 10.49 -18.17 -14.62
C ARG A 501 9.85 -17.63 -13.31
N TRP A 502 10.17 -18.35 -12.24
CA TRP A 502 9.79 -17.90 -10.90
C TRP A 502 10.93 -17.06 -10.36
N VAL A 503 10.78 -15.73 -10.47
CA VAL A 503 11.87 -14.76 -10.18
C VAL A 503 12.12 -14.74 -8.66
N LEU A 504 11.03 -14.84 -7.91
CA LEU A 504 11.08 -14.81 -6.43
C LEU A 504 10.35 -16.05 -5.91
N PRO A 505 10.95 -16.78 -4.93
CA PRO A 505 12.30 -16.45 -4.46
C PRO A 505 13.39 -16.83 -5.47
N VAL A 506 14.58 -16.24 -5.36
CA VAL A 506 15.67 -16.60 -6.27
C VAL A 506 16.03 -18.06 -6.08
N SER A 507 16.07 -18.79 -7.18
CA SER A 507 16.14 -20.26 -7.13
C SER A 507 17.57 -20.78 -7.03
N ASP A 508 17.67 -22.05 -6.62
CA ASP A 508 18.95 -22.76 -6.63
C ASP A 508 19.61 -22.69 -8.00
N GLY A 509 18.81 -22.81 -9.07
CA GLY A 509 19.38 -22.79 -10.41
C GLY A 509 20.12 -21.50 -10.73
N VAL A 510 19.59 -20.37 -10.28
CA VAL A 510 20.30 -19.12 -10.53
C VAL A 510 21.63 -19.13 -9.77
N ARG A 511 21.61 -19.57 -8.51
CA ARG A 511 22.87 -19.54 -7.70
C ARG A 511 23.89 -20.50 -8.33
N GLU A 512 23.44 -21.66 -8.78
CA GLU A 512 24.35 -22.67 -9.36
C GLU A 512 25.00 -22.12 -10.64
N LEU A 513 24.22 -21.47 -11.49
CA LEU A 513 24.78 -20.93 -12.74
C LEU A 513 25.62 -19.68 -12.44
N ALA A 514 25.23 -18.90 -11.43
CA ALA A 514 26.02 -17.71 -11.15
C ALA A 514 27.48 -18.05 -10.86
N VAL A 515 27.72 -19.12 -10.10
CA VAL A 515 29.10 -19.41 -9.74
C VAL A 515 29.93 -19.86 -10.94
N GLN A 516 29.30 -20.26 -12.04
CA GLN A 516 29.99 -20.71 -13.23
C GLN A 516 30.34 -19.55 -14.18
N HIS A 517 29.93 -18.34 -13.86
CA HIS A 517 30.16 -17.19 -14.72
C HIS A 517 30.99 -16.15 -13.99
N LYS A 518 31.45 -15.14 -14.74
CA LYS A 518 32.34 -14.11 -14.23
C LYS A 518 31.60 -12.81 -13.92
N LEU A 519 30.41 -12.63 -14.47
CA LEU A 519 29.61 -11.42 -14.32
C LEU A 519 28.17 -11.84 -14.46
N LEU A 520 27.31 -11.34 -13.58
CA LEU A 520 25.87 -11.59 -13.65
C LEU A 520 25.17 -10.27 -13.93
N VAL A 521 24.30 -10.26 -14.94
CA VAL A 521 23.52 -9.07 -15.29
C VAL A 521 22.05 -9.48 -15.30
N THR A 522 21.24 -8.78 -14.52
CA THR A 522 19.80 -9.00 -14.52
C THR A 522 19.16 -7.91 -15.36
N LEU A 523 18.26 -8.30 -16.26
CA LEU A 523 17.60 -7.36 -17.19
C LEU A 523 16.10 -7.41 -16.91
N GLU A 524 15.54 -6.31 -16.40
CA GLU A 524 14.16 -6.35 -15.91
C GLU A 524 13.38 -5.11 -16.29
N ASP A 525 12.09 -5.32 -16.59
CA ASP A 525 11.13 -4.25 -16.89
C ASP A 525 10.41 -3.85 -15.59
N ASN A 526 11.20 -3.26 -14.69
CA ASN A 526 10.79 -2.92 -13.33
C ASN A 526 11.82 -1.95 -12.78
N GLY A 527 11.40 -1.12 -11.82
CA GLY A 527 12.36 -0.22 -11.18
C GLY A 527 13.51 -1.00 -10.55
N VAL A 528 14.71 -0.41 -10.61
CA VAL A 528 15.88 -1.10 -10.10
C VAL A 528 15.88 -1.20 -8.58
N ASN A 529 15.28 -0.27 -7.87
CA ASN A 529 15.37 -0.30 -6.40
C ASN A 529 14.54 -1.45 -5.88
N GLY A 530 15.19 -2.42 -5.22
CA GLY A 530 14.44 -3.56 -4.70
C GLY A 530 13.91 -4.51 -5.75
N GLY A 531 14.32 -4.34 -7.01
CA GLY A 531 13.84 -5.14 -8.11
C GLY A 531 14.49 -6.51 -8.17
N ALA A 532 14.27 -7.18 -9.30
CA ALA A 532 14.76 -8.54 -9.45
C ALA A 532 16.28 -8.59 -9.38
N GLY A 533 16.96 -7.62 -10.01
CA GLY A 533 18.42 -7.63 -10.00
C GLY A 533 18.97 -7.50 -8.59
N SER A 534 18.39 -6.61 -7.81
CA SER A 534 18.83 -6.48 -6.42
CA SER A 534 18.81 -6.46 -6.42
C SER A 534 18.53 -7.74 -5.63
N ALA A 535 17.40 -8.42 -5.93
CA ALA A 535 17.07 -9.66 -5.24
C ALA A 535 18.04 -10.77 -5.59
N VAL A 536 18.46 -10.85 -6.85
CA VAL A 536 19.44 -11.86 -7.24
C VAL A 536 20.77 -11.57 -6.55
N SER A 537 21.21 -10.31 -6.59
CA SER A 537 22.43 -9.96 -5.87
C SER A 537 22.33 -10.36 -4.41
N ALA A 538 21.22 -10.02 -3.76
CA ALA A 538 21.07 -10.32 -2.34
C ALA A 538 21.13 -11.82 -2.08
N ALA A 539 20.55 -12.61 -2.97
CA ALA A 539 20.51 -14.07 -2.74
C ALA A 539 21.91 -14.68 -2.89
N LEU A 540 22.67 -14.17 -3.86
CA LEU A 540 24.04 -14.68 -4.07
C LEU A 540 24.89 -14.35 -2.84
N ARG A 541 24.82 -13.10 -2.39
CA ARG A 541 25.68 -12.66 -1.26
C ARG A 541 25.29 -13.47 -0.02
N ARG A 542 23.99 -13.71 0.19
CA ARG A 542 23.56 -14.56 1.33
CA ARG A 542 23.57 -14.56 1.33
C ARG A 542 24.18 -15.98 1.24
N ALA A 543 24.34 -16.42 -0.01
CA ALA A 543 24.95 -17.73 -0.24
C ALA A 543 26.47 -17.66 -0.38
N GLU A 544 27.09 -16.55 0.02
CA GLU A 544 28.55 -16.37 -0.02
C GLU A 544 29.10 -16.38 -1.45
N ILE A 545 28.27 -15.98 -2.42
CA ILE A 545 28.67 -15.90 -3.81
C ILE A 545 28.85 -14.42 -4.13
N ASP A 546 30.08 -14.02 -4.47
CA ASP A 546 30.42 -12.61 -4.68
C ASP A 546 30.76 -12.30 -6.14
N VAL A 547 30.28 -13.12 -7.06
CA VAL A 547 30.36 -12.79 -8.49
C VAL A 547 29.76 -11.41 -8.67
N PRO A 548 30.40 -10.52 -9.42
CA PRO A 548 29.85 -9.17 -9.60
C PRO A 548 28.51 -9.22 -10.29
N CYS A 549 27.55 -8.47 -9.74
CA CYS A 549 26.19 -8.39 -10.27
C CYS A 549 25.91 -6.96 -10.70
N ARG A 550 25.14 -6.81 -11.77
CA ARG A 550 24.67 -5.50 -12.22
C ARG A 550 23.17 -5.56 -12.48
N ASP A 551 22.47 -4.46 -12.17
CA ASP A 551 21.00 -4.41 -12.17
C ASP A 551 20.57 -3.52 -13.33
N VAL A 552 20.29 -4.12 -14.48
CA VAL A 552 19.85 -3.38 -15.65
C VAL A 552 18.32 -3.41 -15.66
N GLY A 553 17.74 -2.29 -15.34
CA GLY A 553 16.29 -2.16 -15.27
C GLY A 553 15.93 -0.72 -15.45
N LEU A 554 14.77 -0.34 -14.96
CA LEU A 554 14.28 1.03 -15.06
C LEU A 554 14.83 1.86 -13.92
N PRO A 555 15.48 3.00 -14.19
CA PRO A 555 15.87 3.88 -13.10
C PRO A 555 14.64 4.19 -12.26
N GLN A 556 14.87 4.45 -10.97
CA GLN A 556 13.79 4.64 -10.00
C GLN A 556 13.29 6.08 -10.09
N GLU A 557 12.53 6.31 -11.17
CA GLU A 557 12.05 7.68 -11.45
CA GLU A 557 12.02 7.58 -11.42
C GLU A 557 10.64 7.62 -12.02
N PHE A 558 9.94 8.76 -11.97
CA PHE A 558 8.62 8.90 -12.57
C PHE A 558 8.80 9.35 -14.01
N TYR A 559 8.26 8.61 -14.98
CA TYR A 559 8.50 8.91 -16.39
C TYR A 559 7.35 9.71 -17.01
N GLU A 560 7.71 10.67 -17.86
CA GLU A 560 6.75 11.38 -18.69
C GLU A 560 6.11 10.44 -19.71
N HIS A 561 4.95 10.84 -20.24
CA HIS A 561 4.25 10.01 -21.20
C HIS A 561 4.99 9.95 -22.54
N ALA A 562 4.96 8.77 -23.16
CA ALA A 562 5.54 8.49 -24.46
C ALA A 562 5.16 7.05 -24.81
N SER A 563 5.51 6.57 -26.00
CA SER A 563 5.20 5.18 -26.26
C SER A 563 6.14 4.30 -25.44
N ARG A 564 5.71 3.05 -25.21
CA ARG A 564 6.57 2.15 -24.45
C ARG A 564 7.93 2.03 -25.11
N SER A 565 7.96 1.89 -26.45
CA SER A 565 9.25 1.76 -27.12
C SER A 565 10.07 3.04 -26.99
N GLU A 566 9.42 4.20 -26.97
CA GLU A 566 10.17 5.44 -26.79
C GLU A 566 10.78 5.51 -25.39
N VAL A 567 10.01 5.15 -24.36
CA VAL A 567 10.55 5.20 -23.00
C VAL A 567 11.74 4.27 -22.87
N LEU A 568 11.60 3.03 -23.35
CA LEU A 568 12.69 2.07 -23.24
C LEU A 568 13.92 2.54 -23.98
N ALA A 569 13.74 3.14 -25.17
CA ALA A 569 14.89 3.63 -25.93
C ALA A 569 15.58 4.79 -25.20
N ASP A 570 14.80 5.77 -24.71
CA ASP A 570 15.40 6.87 -23.95
C ASP A 570 16.16 6.42 -22.71
N LEU A 571 15.78 5.27 -22.14
CA LEU A 571 16.46 4.75 -20.96
C LEU A 571 17.61 3.83 -21.31
N GLY A 572 17.83 3.56 -22.59
CA GLY A 572 18.91 2.65 -22.99
C GLY A 572 18.56 1.19 -22.80
N LEU A 573 17.28 0.90 -22.62
CA LEU A 573 16.85 -0.49 -22.53
C LEU A 573 16.56 -1.01 -23.94
N THR A 574 17.66 -1.16 -24.68
CA THR A 574 17.66 -1.74 -26.02
C THR A 574 18.80 -2.74 -26.06
N ASP A 575 18.71 -3.70 -26.98
CA ASP A 575 19.79 -4.68 -27.05
C ASP A 575 21.12 -4.03 -27.42
N GLN A 576 21.12 -2.99 -28.27
CA GLN A 576 22.36 -2.30 -28.60
C GLN A 576 23.00 -1.67 -27.38
N ASP A 577 22.20 -0.91 -26.59
CA ASP A 577 22.77 -0.18 -25.47
C ASP A 577 23.15 -1.11 -24.33
N VAL A 578 22.30 -2.09 -24.03
CA VAL A 578 22.63 -3.05 -22.98
C VAL A 578 23.90 -3.82 -23.32
N ALA A 579 24.04 -4.25 -24.57
CA ALA A 579 25.27 -4.96 -24.96
C ALA A 579 26.49 -4.07 -24.76
N ARG A 580 26.39 -2.82 -25.20
CA ARG A 580 27.52 -1.87 -24.88
CA ARG A 580 27.54 -1.88 -24.96
C ARG A 580 27.92 -1.76 -23.44
N ARG A 581 26.94 -1.68 -22.52
N ARG A 581 26.92 -1.68 -22.53
CA ARG A 581 27.25 -1.62 -21.07
CA ARG A 581 27.25 -1.63 -21.10
C ARG A 581 27.95 -2.91 -20.65
C ARG A 581 27.94 -2.91 -20.65
N ILE A 582 27.42 -4.06 -21.08
CA ILE A 582 27.99 -5.33 -20.64
C ILE A 582 29.41 -5.49 -21.16
N THR A 583 29.66 -5.07 -22.41
CA THR A 583 31.03 -5.06 -22.94
C THR A 583 31.97 -4.31 -22.01
N GLY A 584 31.56 -3.13 -21.55
CA GLY A 584 32.41 -2.34 -20.68
C GLY A 584 32.65 -3.01 -19.33
N TRP A 585 31.62 -3.61 -18.77
CA TRP A 585 31.78 -4.34 -17.51
C TRP A 585 32.72 -5.54 -17.67
N VAL A 586 32.62 -6.26 -18.79
CA VAL A 586 33.48 -7.42 -18.99
C VAL A 586 34.93 -6.98 -19.17
N ALA A 587 35.16 -5.92 -19.93
CA ALA A 587 36.54 -5.46 -20.16
C ALA A 587 37.16 -5.00 -18.84
N ALA A 588 36.34 -4.50 -17.91
CA ALA A 588 36.84 -3.95 -16.64
C ALA A 588 37.11 -5.06 -15.61
N LEU A 589 36.69 -6.28 -15.91
CA LEU A 589 36.87 -7.34 -14.89
C LEU A 589 38.36 -7.45 -14.54
N GLY A 590 38.69 -7.42 -13.25
CA GLY A 590 40.07 -7.60 -12.79
C GLY A 590 41.00 -6.43 -13.08
N THR A 591 40.46 -5.34 -13.63
CA THR A 591 41.28 -4.13 -13.91
C THR A 591 41.45 -3.33 -12.61
N GLY A 592 40.60 -3.62 -11.61
CA GLY A 592 40.72 -2.94 -10.31
C GLY A 592 39.63 -3.38 -9.35
N MET B 3 -15.13 -21.77 43.37
CA MET B 3 -15.52 -22.46 42.12
C MET B 3 -15.81 -21.41 41.04
N GLY B 4 -17.04 -20.92 41.01
CA GLY B 4 -17.42 -19.91 40.02
C GLY B 4 -17.88 -20.52 38.73
N MET B 5 -18.56 -19.74 37.90
CA MET B 5 -19.12 -20.27 36.63
C MET B 5 -18.06 -20.26 35.53
N LEU B 6 -17.15 -19.29 35.54
CA LEU B 6 -16.18 -19.23 34.41
C LEU B 6 -15.46 -20.58 34.27
N GLN B 7 -15.05 -21.18 35.38
CA GLN B 7 -14.29 -22.44 35.32
C GLN B 7 -15.15 -23.53 34.66
N GLN B 8 -16.47 -23.38 34.67
CA GLN B 8 -17.37 -24.43 34.12
C GLN B 8 -17.61 -24.22 32.62
N ILE B 9 -17.17 -23.10 32.06
CA ILE B 9 -17.47 -22.83 30.65
C ILE B 9 -16.41 -23.55 29.80
N ARG B 10 -16.79 -24.70 29.20
CA ARG B 10 -15.90 -25.44 28.32
C ARG B 10 -15.86 -24.86 26.90
N GLY B 11 -16.94 -24.21 26.50
CA GLY B 11 -17.10 -23.63 25.19
C GLY B 11 -18.41 -22.87 25.16
N PRO B 12 -18.72 -22.23 24.04
CA PRO B 12 -19.91 -21.36 23.99
C PRO B 12 -21.21 -22.01 24.42
N ALA B 13 -21.44 -23.28 24.10
CA ALA B 13 -22.73 -23.90 24.42
C ALA B 13 -23.00 -23.95 25.91
N ASP B 14 -21.97 -23.83 26.75
CA ASP B 14 -22.22 -23.87 28.18
C ASP B 14 -22.86 -22.58 28.68
N LEU B 15 -22.99 -21.55 27.82
CA LEU B 15 -23.78 -20.37 28.15
C LEU B 15 -25.27 -20.57 27.89
N GLN B 16 -25.63 -21.59 27.11
CA GLN B 16 -26.95 -21.65 26.50
C GLN B 16 -28.08 -21.65 27.52
N HIS B 17 -27.91 -22.35 28.65
CA HIS B 17 -29.00 -22.49 29.60
C HIS B 17 -28.84 -21.63 30.83
N LEU B 18 -27.86 -20.72 30.85
CA LEU B 18 -27.71 -19.80 31.95
C LEU B 18 -28.89 -18.84 32.06
N SER B 19 -29.26 -18.52 33.29
CA SER B 19 -30.23 -17.48 33.54
C SER B 19 -29.61 -16.09 33.31
N GLN B 20 -30.47 -15.08 33.26
CA GLN B 20 -29.97 -13.73 33.13
C GLN B 20 -29.16 -13.33 34.36
N ALA B 21 -29.62 -13.73 35.55
CA ALA B 21 -28.84 -13.50 36.76
C ALA B 21 -27.47 -14.17 36.68
N GLN B 22 -27.42 -15.40 36.16
CA GLN B 22 -26.14 -16.09 36.02
C GLN B 22 -25.24 -15.37 35.03
N LEU B 23 -25.77 -14.85 33.93
CA LEU B 23 -24.90 -14.21 32.89
C LEU B 23 -24.29 -12.94 33.48
N ARG B 24 -25.00 -12.42 34.44
CA ARG B 24 -24.64 -11.15 35.13
C ARG B 24 -23.50 -11.44 36.11
N GLU B 25 -23.61 -12.46 36.81
CA GLU B 25 -22.54 -12.92 37.72
C GLU B 25 -21.32 -13.31 36.87
N LEU B 26 -21.59 -13.98 35.76
CA LEU B 26 -20.47 -14.40 34.93
C LEU B 26 -19.73 -13.20 34.36
N ALA B 27 -20.46 -12.18 33.91
CA ALA B 27 -19.81 -10.97 33.42
C ALA B 27 -18.92 -10.36 34.49
N ALA B 28 -19.40 -10.33 35.74
CA ALA B 28 -18.58 -9.78 36.82
C ALA B 28 -17.36 -10.64 37.08
N GLU B 29 -17.49 -11.96 36.98
CA GLU B 29 -16.31 -12.84 37.15
C GLU B 29 -15.32 -12.57 36.02
N ILE B 30 -15.83 -12.38 34.80
CA ILE B 30 -14.94 -12.12 33.67
C ILE B 30 -14.18 -10.83 33.87
N ARG B 31 -14.86 -9.79 34.35
CA ARG B 31 -14.17 -8.52 34.60
C ARG B 31 -13.09 -8.67 35.65
N GLU B 32 -13.39 -9.39 36.74
CA GLU B 32 -12.40 -9.57 37.78
C GLU B 32 -11.19 -10.33 37.24
N PHE B 33 -11.46 -11.37 36.45
CA PHE B 33 -10.40 -12.12 35.76
C PHE B 33 -9.55 -11.21 34.88
N LEU B 34 -10.19 -10.43 34.01
CA LEU B 34 -9.44 -9.52 33.13
C LEU B 34 -8.57 -8.58 33.92
N ILE B 35 -9.09 -7.98 34.99
CA ILE B 35 -8.27 -7.09 35.79
C ILE B 35 -7.08 -7.84 36.39
N HIS B 36 -7.33 -9.02 36.95
CA HIS B 36 -6.26 -9.84 37.54
C HIS B 36 -5.15 -10.16 36.55
N LYS B 37 -5.52 -10.50 35.32
CA LYS B 37 -4.51 -11.04 34.38
C LYS B 37 -3.99 -10.02 33.36
N VAL B 38 -4.60 -8.84 33.27
CA VAL B 38 -4.20 -7.90 32.22
C VAL B 38 -3.83 -6.53 32.79
N ALA B 39 -4.39 -6.17 33.95
CA ALA B 39 -4.15 -4.84 34.48
C ALA B 39 -2.66 -4.62 34.70
N ALA B 40 -2.14 -3.52 34.16
CA ALA B 40 -0.75 -3.11 34.33
C ALA B 40 0.24 -4.02 33.63
N THR B 41 -0.21 -4.85 32.69
CA THR B 41 0.67 -5.74 31.95
C THR B 41 1.03 -5.24 30.56
N GLY B 42 0.33 -4.22 30.06
CA GLY B 42 0.57 -3.78 28.68
C GLY B 42 -0.45 -4.36 27.71
N GLY B 43 -1.29 -5.30 28.18
CA GLY B 43 -2.35 -5.83 27.34
C GLY B 43 -3.49 -4.84 27.21
N HIS B 44 -4.48 -5.23 26.40
CA HIS B 44 -5.62 -4.35 26.06
C HIS B 44 -6.79 -4.51 27.04
N LEU B 45 -6.58 -4.09 28.29
CA LEU B 45 -7.62 -4.25 29.31
C LEU B 45 -8.89 -3.48 28.97
N GLY B 46 -8.77 -2.19 28.67
CA GLY B 46 -9.94 -1.36 28.46
C GLY B 46 -10.87 -1.86 27.37
N PRO B 47 -10.34 -2.10 26.15
CA PRO B 47 -11.17 -2.59 25.05
C PRO B 47 -11.88 -3.92 25.39
N ASN B 48 -11.25 -4.75 26.22
CA ASN B 48 -11.88 -6.03 26.53
C ASN B 48 -12.94 -5.90 27.60
N LEU B 49 -12.71 -5.04 28.61
CA LEU B 49 -13.77 -4.79 29.58
C LEU B 49 -15.01 -4.23 28.88
N GLY B 50 -14.81 -3.51 27.78
CA GLY B 50 -15.92 -2.92 27.07
C GLY B 50 -16.81 -3.91 26.35
N VAL B 51 -16.33 -5.13 26.10
CA VAL B 51 -17.10 -6.09 25.25
C VAL B 51 -17.47 -7.37 26.01
N VAL B 52 -17.54 -7.28 27.34
CA VAL B 52 -17.91 -8.47 28.10
C VAL B 52 -19.34 -8.90 27.76
N GLU B 53 -20.31 -8.00 27.92
CA GLU B 53 -21.69 -8.37 27.61
C GLU B 53 -21.87 -8.63 26.12
N LEU B 54 -21.21 -7.85 25.27
CA LEU B 54 -21.32 -8.06 23.83
C LEU B 54 -20.85 -9.46 23.45
N THR B 55 -19.73 -9.91 24.03
CA THR B 55 -19.15 -11.19 23.63
C THR B 55 -19.99 -12.34 24.16
N LEU B 56 -20.49 -12.20 25.39
CA LEU B 56 -21.46 -13.17 25.93
C LEU B 56 -22.66 -13.28 25.01
N ALA B 57 -23.22 -12.14 24.58
CA ALA B 57 -24.38 -12.17 23.71
C ALA B 57 -24.05 -12.80 22.36
N LEU B 58 -22.90 -12.47 21.78
CA LEU B 58 -22.51 -13.08 20.51
C LEU B 58 -22.48 -14.60 20.59
N HIS B 59 -21.94 -15.13 21.67
CA HIS B 59 -21.82 -16.58 21.79
C HIS B 59 -23.07 -17.23 22.34
N ARG B 60 -24.07 -16.44 22.74
CA ARG B 60 -25.41 -16.93 23.07
C ARG B 60 -26.32 -16.99 21.86
N VAL B 61 -26.01 -16.24 20.80
CA VAL B 61 -26.86 -16.13 19.64
C VAL B 61 -26.29 -16.87 18.44
N PHE B 62 -24.97 -16.85 18.27
CA PHE B 62 -24.35 -17.46 17.11
C PHE B 62 -23.61 -18.74 17.49
N ASP B 63 -23.47 -19.62 16.51
CA ASP B 63 -22.88 -20.95 16.70
C ASP B 63 -21.50 -20.97 16.07
N SER B 64 -20.52 -20.44 16.78
CA SER B 64 -19.14 -20.41 16.29
C SER B 64 -18.58 -21.83 16.25
N PRO B 65 -17.76 -22.17 15.23
CA PRO B 65 -17.37 -21.32 14.10
C PRO B 65 -18.24 -21.53 12.86
N HIS B 66 -19.31 -22.33 12.98
CA HIS B 66 -20.25 -22.43 11.87
C HIS B 66 -20.76 -21.06 11.47
N ASP B 67 -21.10 -20.22 12.46
CA ASP B 67 -21.22 -18.79 12.25
C ASP B 67 -19.88 -18.17 12.58
N PRO B 68 -19.08 -17.73 11.60
CA PRO B 68 -17.78 -17.14 11.95
C PRO B 68 -17.98 -15.83 12.68
N ILE B 69 -17.26 -15.64 13.78
CA ILE B 69 -17.24 -14.38 14.50
C ILE B 69 -15.86 -13.78 14.25
N ILE B 70 -15.82 -12.71 13.47
CA ILE B 70 -14.54 -12.12 13.02
C ILE B 70 -14.36 -10.81 13.76
N PHE B 71 -13.33 -10.71 14.58
CA PHE B 71 -13.07 -9.45 15.30
C PHE B 71 -12.19 -8.52 14.46
N ASP B 72 -12.66 -7.30 14.25
CA ASP B 72 -11.80 -6.30 13.57
C ASP B 72 -10.69 -5.89 14.53
N THR B 73 -9.46 -5.79 14.04
CA THR B 73 -8.27 -5.43 14.87
C THR B 73 -7.88 -6.65 15.71
N GLY B 74 -8.79 -7.17 16.53
CA GLY B 74 -8.52 -8.42 17.27
C GLY B 74 -7.94 -8.23 18.66
N HIS B 75 -7.69 -6.99 19.05
CA HIS B 75 -7.18 -6.76 20.43
C HIS B 75 -8.29 -6.92 21.48
N GLN B 76 -9.55 -7.03 21.06
CA GLN B 76 -10.72 -7.07 21.98
C GLN B 76 -11.33 -8.47 22.00
N ALA B 77 -10.51 -9.48 21.72
CA ALA B 77 -11.03 -10.87 21.68
C ALA B 77 -10.62 -11.67 22.92
N TYR B 78 -10.26 -11.00 24.01
CA TYR B 78 -9.89 -11.80 25.18
C TYR B 78 -11.11 -12.53 25.74
N VAL B 79 -12.26 -11.86 25.80
CA VAL B 79 -13.42 -12.54 26.35
C VAL B 79 -13.81 -13.71 25.46
N HIS B 80 -13.70 -13.51 24.14
CA HIS B 80 -13.92 -14.58 23.18
C HIS B 80 -13.03 -15.78 23.46
N LYS B 81 -11.75 -15.53 23.73
CA LYS B 81 -10.86 -16.64 24.05
C LYS B 81 -11.25 -17.30 25.38
N MET B 82 -11.67 -16.52 26.38
CA MET B 82 -12.07 -17.11 27.65
C MET B 82 -13.26 -18.03 27.49
N LEU B 83 -14.14 -17.75 26.53
CA LEU B 83 -15.35 -18.51 26.32
C LEU B 83 -15.17 -19.65 25.33
N THR B 84 -13.97 -19.79 24.76
CA THR B 84 -13.64 -20.83 23.80
C THR B 84 -12.43 -21.63 24.26
N GLY B 85 -12.41 -21.97 25.56
CA GLY B 85 -11.50 -22.98 26.07
C GLY B 85 -10.13 -22.50 26.48
N ARG B 86 -9.90 -21.19 26.55
CA ARG B 86 -8.55 -20.69 26.76
C ARG B 86 -8.44 -19.84 28.02
N SER B 87 -9.44 -19.91 28.91
CA SER B 87 -9.37 -19.10 30.12
C SER B 87 -8.21 -19.52 31.03
N GLN B 88 -7.72 -20.75 30.88
CA GLN B 88 -6.60 -21.23 31.74
C GLN B 88 -5.24 -20.84 31.15
N ASP B 89 -5.22 -20.11 30.04
CA ASP B 89 -3.98 -19.80 29.35
C ASP B 89 -3.52 -18.36 29.53
N PHE B 90 -4.21 -17.56 30.36
CA PHE B 90 -3.91 -16.13 30.37
C PHE B 90 -2.68 -15.75 31.18
N ALA B 91 -2.15 -16.66 32.00
CA ALA B 91 -0.88 -16.34 32.64
C ALA B 91 0.22 -16.12 31.63
N THR B 92 0.08 -16.68 30.42
CA THR B 92 1.07 -16.58 29.36
C THR B 92 0.74 -15.52 28.33
N LEU B 93 -0.32 -14.74 28.54
CA LEU B 93 -0.77 -13.76 27.56
C LEU B 93 0.36 -12.87 27.07
N ARG B 94 0.55 -12.82 25.75
CA ARG B 94 1.52 -11.90 25.10
C ARG B 94 2.96 -12.20 25.53
N LYS B 95 3.21 -13.39 26.05
CA LYS B 95 4.56 -13.84 26.35
C LYS B 95 5.01 -14.85 25.31
N LYS B 96 6.33 -14.94 25.10
CA LYS B 96 6.85 -15.89 24.14
C LYS B 96 6.34 -17.28 24.44
N GLY B 97 5.81 -17.95 23.42
CA GLY B 97 5.27 -19.29 23.56
C GLY B 97 3.90 -19.38 24.21
N GLY B 98 3.30 -18.25 24.59
CA GLY B 98 2.04 -18.21 25.28
C GLY B 98 0.91 -17.70 24.40
N LEU B 99 -0.21 -17.36 25.06
CA LEU B 99 -1.41 -16.94 24.35
C LEU B 99 -1.14 -15.66 23.56
N SER B 100 -1.54 -15.65 22.29
CA SER B 100 -1.38 -14.44 21.49
C SER B 100 -2.29 -13.30 21.98
N GLY B 101 -1.84 -12.07 21.75
CA GLY B 101 -2.72 -10.93 22.04
C GLY B 101 -3.82 -10.70 21.02
N TYR B 102 -3.80 -11.55 20.00
CA TYR B 102 -4.79 -11.45 18.91
C TYR B 102 -5.32 -12.84 18.62
N PRO B 103 -6.47 -12.97 17.94
CA PRO B 103 -6.95 -14.30 17.56
C PRO B 103 -5.88 -15.07 16.78
N SER B 104 -5.91 -16.40 16.93
CA SER B 104 -4.89 -17.28 16.37
C SER B 104 -5.55 -18.55 15.88
N ARG B 105 -5.44 -18.81 14.58
N ARG B 105 -5.43 -18.81 14.59
CA ARG B 105 -6.03 -20.01 14.02
CA ARG B 105 -6.02 -20.02 14.01
C ARG B 105 -5.39 -21.28 14.58
C ARG B 105 -5.38 -21.26 14.60
N ALA B 106 -4.10 -21.22 14.93
CA ALA B 106 -3.45 -22.37 15.55
C ALA B 106 -4.00 -22.65 16.94
N GLU B 107 -4.45 -21.60 17.64
CA GLU B 107 -5.01 -21.79 18.98
C GLU B 107 -6.42 -22.36 18.95
N SER B 108 -7.24 -21.99 17.96
CA SER B 108 -8.65 -22.31 18.08
C SER B 108 -9.37 -22.26 16.74
N GLU B 109 -10.26 -23.22 16.53
CA GLU B 109 -11.17 -23.22 15.36
C GLU B 109 -12.12 -22.01 15.42
N HIS B 110 -12.22 -21.37 16.57
CA HIS B 110 -13.10 -20.22 16.72
C HIS B 110 -12.46 -18.91 16.29
N ASP B 111 -11.20 -18.96 15.86
CA ASP B 111 -10.41 -17.78 15.50
C ASP B 111 -10.13 -17.80 14.01
N TRP B 112 -10.32 -16.67 13.36
CA TRP B 112 -10.20 -16.59 11.91
C TRP B 112 -9.08 -15.67 11.45
N VAL B 113 -9.04 -14.44 11.93
CA VAL B 113 -8.16 -13.40 11.41
C VAL B 113 -7.12 -13.05 12.45
N GLU B 114 -5.85 -13.15 12.07
CA GLU B 114 -4.73 -12.92 12.98
C GLU B 114 -4.13 -11.54 12.81
N SER B 115 -4.47 -10.83 11.74
CA SER B 115 -3.89 -9.52 11.51
C SER B 115 -4.46 -8.49 12.48
N SER B 116 -3.56 -7.66 13.02
CA SER B 116 -3.99 -6.59 13.95
C SER B 116 -4.32 -5.31 13.18
N HIS B 117 -4.07 -5.30 11.86
CA HIS B 117 -4.32 -4.07 11.08
C HIS B 117 -5.83 -3.87 11.00
N ALA B 118 -6.31 -2.71 11.41
CA ALA B 118 -7.75 -2.46 11.55
C ALA B 118 -8.49 -2.25 10.25
N SER B 119 -9.82 -2.46 10.31
CA SER B 119 -10.78 -2.16 9.22
C SER B 119 -10.89 -3.28 8.17
N ALA B 120 -10.28 -4.43 8.38
CA ALA B 120 -10.30 -5.46 7.36
C ALA B 120 -11.39 -6.51 7.58
N ALA B 121 -12.03 -6.54 8.74
CA ALA B 121 -12.92 -7.67 9.05
C ALA B 121 -14.07 -7.79 8.05
N LEU B 122 -14.68 -6.68 7.67
CA LEU B 122 -15.82 -6.77 6.78
C LEU B 122 -15.41 -7.30 5.40
N SER B 123 -14.16 -7.03 4.99
CA SER B 123 -13.69 -7.57 3.71
C SER B 123 -13.48 -9.08 3.79
N TYR B 124 -12.90 -9.56 4.88
CA TYR B 124 -12.87 -11.01 5.10
C TYR B 124 -14.28 -11.57 5.05
N ALA B 125 -15.21 -10.90 5.73
CA ALA B 125 -16.56 -11.42 5.87
C ALA B 125 -17.26 -11.54 4.53
N ASP B 126 -17.10 -10.54 3.66
CA ASP B 126 -17.65 -10.61 2.31
C ASP B 126 -17.10 -11.82 1.57
N GLY B 127 -15.79 -12.02 1.62
CA GLY B 127 -15.19 -13.17 0.95
C GLY B 127 -15.66 -14.49 1.52
N LEU B 128 -15.78 -14.57 2.84
CA LEU B 128 -16.21 -15.82 3.48
C LEU B 128 -17.65 -16.15 3.12
N ALA B 129 -18.54 -15.16 3.22
CA ALA B 129 -19.92 -15.34 2.79
C ALA B 129 -19.99 -15.81 1.35
N LYS B 130 -19.19 -15.19 0.47
CA LYS B 130 -19.17 -15.62 -0.92
C LYS B 130 -18.70 -17.06 -1.04
N ALA B 131 -17.69 -17.46 -0.25
CA ALA B 131 -17.20 -18.84 -0.33
C ALA B 131 -18.27 -19.83 0.11
N PHE B 132 -18.95 -19.54 1.22
CA PHE B 132 -19.98 -20.46 1.71
C PHE B 132 -21.06 -20.67 0.66
N GLU B 133 -21.45 -19.61 -0.04
CA GLU B 133 -22.41 -19.77 -1.12
C GLU B 133 -21.85 -20.65 -2.23
N LEU B 134 -20.60 -20.43 -2.62
CA LEU B 134 -20.03 -21.19 -3.73
C LEU B 134 -19.84 -22.66 -3.40
N THR B 135 -19.66 -22.99 -2.13
CA THR B 135 -19.46 -24.39 -1.71
C THR B 135 -20.73 -25.01 -1.15
N GLY B 136 -21.85 -24.30 -1.19
CA GLY B 136 -23.10 -24.91 -0.80
C GLY B 136 -23.27 -25.16 0.68
N HIS B 137 -22.62 -24.36 1.52
CA HIS B 137 -22.81 -24.50 2.98
C HIS B 137 -24.08 -23.75 3.39
N ARG B 138 -24.96 -24.44 4.11
N ARG B 138 -24.91 -24.48 4.15
CA ARG B 138 -26.23 -23.87 4.63
CA ARG B 138 -26.20 -23.86 4.55
C ARG B 138 -25.96 -23.10 5.92
C ARG B 138 -26.05 -23.15 5.90
N ASN B 139 -26.61 -21.93 6.03
CA ASN B 139 -26.98 -21.32 7.34
C ASN B 139 -25.71 -20.94 8.12
N ARG B 140 -24.69 -20.47 7.41
CA ARG B 140 -23.51 -19.92 8.07
C ARG B 140 -23.65 -18.41 8.06
N HIS B 141 -23.77 -17.81 9.23
CA HIS B 141 -23.94 -16.38 9.37
C HIS B 141 -22.59 -15.78 9.76
N VAL B 142 -22.01 -14.96 8.88
CA VAL B 142 -20.73 -14.32 9.18
C VAL B 142 -20.98 -13.07 9.98
N VAL B 143 -20.34 -12.97 11.14
CA VAL B 143 -20.51 -11.82 12.03
C VAL B 143 -19.18 -11.10 12.13
N ALA B 144 -19.18 -9.80 11.81
CA ALA B 144 -17.98 -8.98 11.91
C ALA B 144 -18.19 -7.99 13.04
N VAL B 145 -17.28 -8.00 14.01
CA VAL B 145 -17.32 -7.07 15.14
C VAL B 145 -16.34 -5.94 14.82
N VAL B 146 -16.89 -4.77 14.52
CA VAL B 146 -16.07 -3.63 14.03
C VAL B 146 -16.19 -2.46 14.97
N GLY B 147 -15.07 -2.04 15.53
CA GLY B 147 -15.07 -0.89 16.43
C GLY B 147 -15.36 0.39 15.67
N ASP B 148 -15.82 1.41 16.38
CA ASP B 148 -16.12 2.71 15.75
C ASP B 148 -14.87 3.29 15.08
N GLY B 149 -13.72 3.13 15.74
CA GLY B 149 -12.46 3.60 15.13
C GLY B 149 -12.16 2.84 13.84
N ALA B 150 -12.25 1.51 13.89
CA ALA B 150 -12.01 0.73 12.67
C ALA B 150 -12.97 1.20 11.57
N LEU B 151 -14.19 1.59 11.92
CA LEU B 151 -15.22 1.98 10.92
C LEU B 151 -14.82 3.29 10.19
N THR B 152 -13.84 4.03 10.72
CA THR B 152 -13.35 5.21 10.01
C THR B 152 -12.38 4.88 8.89
N GLY B 153 -12.03 3.60 8.71
CA GLY B 153 -11.10 3.19 7.66
C GLY B 153 -11.82 2.88 6.36
N GLY B 154 -11.19 3.26 5.26
CA GLY B 154 -11.78 3.08 3.94
C GLY B 154 -12.13 1.64 3.59
N MET B 155 -11.40 0.67 4.13
CA MET B 155 -11.73 -0.72 3.74
C MET B 155 -13.20 -1.01 4.11
N CYS B 156 -13.66 -0.43 5.23
CA CYS B 156 -15.04 -0.71 5.63
C CYS B 156 -16.04 -0.26 4.58
N TRP B 157 -15.79 0.90 3.95
CA TRP B 157 -16.70 1.39 2.93
C TRP B 157 -16.68 0.52 1.70
N GLU B 158 -15.50 0.09 1.28
CA GLU B 158 -15.42 -0.83 0.12
C GLU B 158 -16.21 -2.11 0.45
N ALA B 159 -15.98 -2.64 1.66
CA ALA B 159 -16.64 -3.90 2.01
C ALA B 159 -18.14 -3.73 2.13
N LEU B 160 -18.59 -2.65 2.78
CA LEU B 160 -20.03 -2.45 2.93
C LEU B 160 -20.70 -2.25 1.58
N ASN B 161 -20.02 -1.55 0.66
CA ASN B 161 -20.52 -1.39 -0.70
CA ASN B 161 -20.57 -1.39 -0.67
C ASN B 161 -20.74 -2.74 -1.37
N ASN B 162 -19.77 -3.65 -1.21
CA ASN B 162 -19.87 -4.97 -1.81
C ASN B 162 -20.91 -5.83 -1.10
N ILE B 163 -20.91 -5.79 0.23
CA ILE B 163 -21.87 -6.58 1.00
C ILE B 163 -23.29 -6.18 0.64
N ALA B 164 -23.51 -4.88 0.42
CA ALA B 164 -24.86 -4.38 0.16
C ALA B 164 -25.39 -4.79 -1.20
N ALA B 165 -24.53 -5.30 -2.08
CA ALA B 165 -24.94 -5.77 -3.39
C ALA B 165 -25.54 -7.19 -3.35
N SER B 166 -25.61 -7.82 -2.18
CA SER B 166 -26.01 -9.21 -2.10
C SER B 166 -26.89 -9.43 -0.86
N ARG B 167 -27.72 -10.49 -0.91
CA ARG B 167 -28.53 -10.87 0.27
C ARG B 167 -27.74 -11.85 1.13
N ARG B 168 -26.54 -12.24 0.70
CA ARG B 168 -25.73 -13.10 1.55
C ARG B 168 -25.68 -12.53 2.96
N PRO B 169 -25.93 -13.33 3.99
CA PRO B 169 -26.06 -12.78 5.35
C PRO B 169 -24.71 -12.45 5.96
N VAL B 170 -24.44 -11.16 6.10
CA VAL B 170 -23.32 -10.65 6.88
C VAL B 170 -23.90 -9.73 7.94
N ILE B 171 -23.57 -10.00 9.20
CA ILE B 171 -24.07 -9.19 10.31
C ILE B 171 -22.93 -8.30 10.77
N ILE B 172 -23.15 -6.99 10.62
CA ILE B 172 -22.12 -5.99 10.95
C ILE B 172 -22.41 -5.45 12.34
N VAL B 173 -21.64 -5.91 13.31
CA VAL B 173 -21.82 -5.48 14.69
C VAL B 173 -20.86 -4.34 14.95
N VAL B 174 -21.38 -3.11 15.04
CA VAL B 174 -20.53 -1.94 15.29
C VAL B 174 -20.41 -1.81 16.81
N ASN B 175 -19.18 -1.97 17.32
CA ASN B 175 -18.88 -1.83 18.76
C ASN B 175 -18.43 -0.39 18.93
N ASP B 176 -19.37 0.46 19.31
CA ASP B 176 -19.14 1.91 19.32
C ASP B 176 -18.95 2.37 20.76
N ASN B 177 -17.70 2.73 21.09
CA ASN B 177 -17.38 3.30 22.43
C ASN B 177 -16.86 4.74 22.25
N GLY B 178 -17.16 5.36 21.12
CA GLY B 178 -16.75 6.76 20.89
C GLY B 178 -17.84 7.74 21.30
N ARG B 179 -18.97 7.21 21.75
CA ARG B 179 -20.10 8.05 22.19
C ARG B 179 -20.77 7.39 23.39
N SER B 180 -21.62 8.15 24.09
CA SER B 180 -22.38 7.61 25.22
C SER B 180 -23.73 7.09 24.72
N TYR B 181 -24.30 6.11 25.42
CA TYR B 181 -25.62 5.56 25.02
C TYR B 181 -26.73 6.60 25.30
N GLY B 198 -14.79 11.57 19.32
CA GLY B 198 -14.82 10.34 20.09
C GLY B 198 -13.97 9.23 19.51
N GLY B 199 -13.67 9.37 18.22
CA GLY B 199 -12.84 8.36 17.51
C GLY B 199 -13.64 7.61 16.47
N GLY B 200 -14.96 7.80 16.46
CA GLY B 200 -15.80 7.12 15.50
C GLY B 200 -16.11 7.96 14.28
N PRO B 201 -16.91 7.39 13.37
CA PRO B 201 -17.24 8.12 12.15
C PRO B 201 -18.04 9.38 12.44
N GLN B 202 -17.73 10.43 11.68
CA GLN B 202 -18.60 11.60 11.67
C GLN B 202 -19.82 11.34 10.79
N LEU B 203 -19.68 10.49 9.77
CA LEU B 203 -20.77 10.20 8.87
C LEU B 203 -21.78 9.27 9.52
N LEU B 204 -23.05 9.42 9.13
CA LEU B 204 -24.10 8.54 9.60
C LEU B 204 -24.05 7.22 8.86
N PHE B 205 -24.31 6.11 9.58
CA PHE B 205 -24.47 4.82 8.91
C PHE B 205 -25.83 4.20 9.19
N THR B 206 -26.82 5.03 9.51
CA THR B 206 -28.20 4.58 9.71
C THR B 206 -28.99 4.43 8.41
N ASP B 207 -28.53 5.05 7.32
CA ASP B 207 -29.33 5.20 6.11
C ASP B 207 -28.45 5.01 4.87
N LEU B 208 -27.64 3.97 4.88
CA LEU B 208 -26.74 3.61 3.79
C LEU B 208 -27.42 2.73 2.75
N GLY B 209 -28.65 2.30 3.02
CA GLY B 209 -29.27 1.24 2.24
C GLY B 209 -29.20 -0.11 2.91
N LEU B 210 -28.46 -0.21 4.01
CA LEU B 210 -28.39 -1.42 4.81
C LEU B 210 -29.28 -1.28 6.02
N LYS B 211 -30.03 -2.36 6.32
CA LYS B 211 -30.85 -2.39 7.52
C LYS B 211 -30.03 -2.02 8.74
N TYR B 212 -30.58 -1.17 9.61
CA TYR B 212 -29.89 -0.69 10.79
C TYR B 212 -30.72 -0.98 12.05
N VAL B 213 -30.07 -1.56 13.05
CA VAL B 213 -30.72 -1.88 14.36
C VAL B 213 -29.93 -1.19 15.47
N GLY B 214 -30.61 -0.42 16.29
CA GLY B 214 -29.94 0.27 17.41
C GLY B 214 -30.32 1.74 17.51
N PRO B 215 -29.60 2.54 18.31
CA PRO B 215 -28.45 2.03 19.10
C PRO B 215 -28.88 1.12 20.27
N VAL B 216 -28.04 0.13 20.55
CA VAL B 216 -28.30 -0.82 21.62
C VAL B 216 -27.33 -0.53 22.75
N ASP B 217 -27.83 -0.63 23.98
CA ASP B 217 -26.97 -0.52 25.16
C ASP B 217 -26.11 -1.79 25.25
N GLY B 218 -24.83 -1.66 24.94
CA GLY B 218 -23.94 -2.80 24.89
C GLY B 218 -23.60 -3.40 26.22
N HIS B 219 -24.06 -2.82 27.33
CA HIS B 219 -23.87 -3.48 28.61
C HIS B 219 -25.18 -4.04 29.15
N ASP B 220 -26.23 -4.03 28.33
CA ASP B 220 -27.51 -4.69 28.59
C ASP B 220 -27.45 -5.99 27.79
N GLU B 221 -26.94 -7.04 28.43
CA GLU B 221 -26.68 -8.26 27.68
C GLU B 221 -27.94 -8.79 27.01
N ARG B 222 -29.08 -8.75 27.70
CA ARG B 222 -30.33 -9.20 27.09
C ARG B 222 -30.68 -8.38 25.85
N ALA B 223 -30.56 -7.05 25.93
CA ALA B 223 -30.92 -6.23 24.78
C ALA B 223 -29.98 -6.49 23.61
N VAL B 224 -28.71 -6.75 23.87
CA VAL B 224 -27.81 -7.10 22.77
C VAL B 224 -28.25 -8.42 22.13
N GLU B 225 -28.61 -9.42 22.94
CA GLU B 225 -29.09 -10.67 22.35
C GLU B 225 -30.33 -10.45 21.49
N VAL B 226 -31.27 -9.62 21.96
CA VAL B 226 -32.49 -9.35 21.20
C VAL B 226 -32.15 -8.78 19.83
N ALA B 227 -31.23 -7.81 19.81
CA ALA B 227 -30.83 -7.17 18.55
C ALA B 227 -30.13 -8.15 17.64
N LEU B 228 -29.22 -8.96 18.19
CA LEU B 228 -28.50 -9.93 17.38
C LEU B 228 -29.43 -10.99 16.78
N ARG B 229 -30.43 -11.44 17.57
CA ARG B 229 -31.38 -12.41 17.03
C ARG B 229 -32.21 -11.80 15.90
N SER B 230 -32.61 -10.54 16.05
CA SER B 230 -33.29 -9.84 14.96
C SER B 230 -32.42 -9.81 13.71
N ALA B 231 -31.13 -9.52 13.87
CA ALA B 231 -30.23 -9.50 12.72
C ALA B 231 -30.09 -10.90 12.13
N ARG B 232 -29.91 -11.91 12.97
CA ARG B 232 -29.64 -13.27 12.48
C ARG B 232 -30.78 -13.79 11.63
N ARG B 233 -32.01 -13.40 11.92
CA ARG B 233 -33.18 -13.93 11.20
C ARG B 233 -33.59 -13.03 10.03
N PHE B 234 -32.96 -11.86 9.88
CA PHE B 234 -33.38 -10.93 8.83
C PHE B 234 -33.22 -11.50 7.43
N GLY B 235 -32.24 -12.37 7.23
CA GLY B 235 -32.03 -12.95 5.92
C GLY B 235 -31.33 -12.05 4.95
N ALA B 236 -30.63 -11.03 5.44
CA ALA B 236 -29.87 -10.13 4.58
C ALA B 236 -28.86 -9.40 5.45
N PRO B 237 -27.91 -8.70 4.84
CA PRO B 237 -26.96 -7.93 5.65
C PRO B 237 -27.70 -6.95 6.56
N VAL B 238 -27.15 -6.79 7.77
CA VAL B 238 -27.75 -5.93 8.78
C VAL B 238 -26.64 -5.34 9.64
N ILE B 239 -26.77 -4.05 9.96
CA ILE B 239 -25.89 -3.38 10.90
C ILE B 239 -26.56 -3.37 12.26
N VAL B 240 -25.86 -3.87 13.28
CA VAL B 240 -26.29 -3.79 14.68
C VAL B 240 -25.34 -2.85 15.40
N HIS B 241 -25.86 -1.70 15.82
CA HIS B 241 -25.05 -0.65 16.42
C HIS B 241 -25.12 -0.76 17.94
N VAL B 242 -24.01 -1.16 18.56
CA VAL B 242 -23.95 -1.41 20.00
C VAL B 242 -23.07 -0.35 20.62
N VAL B 243 -23.54 0.29 21.69
CA VAL B 243 -22.74 1.32 22.35
C VAL B 243 -22.15 0.73 23.63
N THR B 244 -20.82 0.77 23.74
CA THR B 244 -20.12 0.24 24.89
C THR B 244 -19.27 1.33 25.53
N ARG B 245 -18.81 1.02 26.75
CA ARG B 245 -17.93 1.95 27.49
C ARG B 245 -16.57 1.29 27.65
N LYS B 246 -15.54 1.92 27.09
CA LYS B 246 -14.18 1.35 27.19
C LYS B 246 -13.81 1.34 28.67
N GLY B 247 -13.25 0.22 29.10
CA GLY B 247 -12.89 0.11 30.49
C GLY B 247 -14.04 -0.12 31.47
N MET B 248 -15.25 -0.39 30.99
CA MET B 248 -16.39 -0.65 31.87
C MET B 248 -16.03 -1.51 33.07
N GLY B 249 -16.21 -0.95 34.27
CA GLY B 249 -15.97 -1.73 35.51
C GLY B 249 -14.64 -1.49 36.19
N TYR B 250 -13.67 -0.87 35.50
CA TYR B 250 -12.37 -0.56 36.12
C TYR B 250 -12.08 0.94 35.90
N PRO B 251 -12.36 1.77 36.92
CA PRO B 251 -12.19 3.22 36.79
C PRO B 251 -10.87 3.59 36.09
N PRO B 252 -9.73 2.97 36.43
CA PRO B 252 -8.45 3.36 35.86
C PRO B 252 -8.43 3.18 34.34
N ALA B 253 -9.19 2.21 33.82
CA ALA B 253 -9.29 2.03 32.36
C ALA B 253 -10.40 2.92 31.78
N GLU B 254 -11.30 3.41 32.61
CA GLU B 254 -12.41 4.30 32.17
C GLU B 254 -11.93 5.75 32.08
N PRO B 280 12.43 9.33 29.23
CA PRO B 280 13.62 9.03 28.44
C PRO B 280 13.27 8.23 27.18
N GLY B 281 12.11 8.51 26.59
CA GLY B 281 11.65 7.78 25.43
C GLY B 281 11.96 8.49 24.12
N TRP B 282 12.15 7.69 23.07
CA TRP B 282 12.30 8.26 21.74
C TRP B 282 11.12 9.16 21.41
N THR B 283 9.91 8.71 21.74
CA THR B 283 8.71 9.44 21.35
C THR B 283 8.68 10.81 21.99
N ALA B 284 9.07 10.90 23.27
CA ALA B 284 9.11 12.19 23.96
C ALA B 284 10.14 13.12 23.35
N THR B 285 11.27 12.57 22.88
CA THR B 285 12.26 13.38 22.19
C THR B 285 11.69 13.95 20.90
N PHE B 286 11.01 13.12 20.11
CA PHE B 286 10.34 13.59 18.91
C PHE B 286 9.33 14.67 19.24
N SER B 287 8.47 14.42 20.23
CA SER B 287 7.45 15.38 20.61
C SER B 287 8.05 16.75 20.93
N ASP B 288 9.06 16.76 21.80
CA ASP B 288 9.71 18.02 22.19
C ASP B 288 10.36 18.69 20.99
N ALA B 289 11.08 17.92 20.17
CA ALA B 289 11.76 18.50 19.01
C ALA B 289 10.77 19.11 18.02
N LEU B 290 9.66 18.41 17.75
CA LEU B 290 8.69 18.95 16.80
C LEU B 290 8.09 20.26 17.32
N ILE B 291 7.80 20.33 18.61
CA ILE B 291 7.14 21.55 19.14
C ILE B 291 8.12 22.71 19.01
N GLY B 292 9.40 22.46 19.31
CA GLY B 292 10.42 23.51 19.23
C GLY B 292 10.55 24.08 17.83
N TYR B 293 10.55 23.22 16.83
CA TYR B 293 10.66 23.68 15.42
C TYR B 293 9.41 24.44 14.99
N ALA B 294 8.23 23.99 15.44
CA ALA B 294 6.96 24.61 14.99
C ALA B 294 6.76 25.98 15.65
N GLN B 295 7.41 26.23 16.76
CA GLN B 295 7.29 27.55 17.41
C GLN B 295 7.83 28.60 16.44
N LYS B 296 8.90 28.25 15.74
CA LYS B 296 9.53 29.19 14.78
C LYS B 296 8.90 29.03 13.39
N ARG B 297 8.46 27.82 13.05
CA ARG B 297 7.90 27.56 11.69
C ARG B 297 6.38 27.38 11.78
N ARG B 298 5.62 28.41 11.38
CA ARG B 298 4.14 28.35 11.45
C ARG B 298 3.57 27.45 10.34
N ASP B 299 4.41 27.04 9.39
CA ASP B 299 3.94 26.20 8.29
C ASP B 299 3.98 24.71 8.62
N ILE B 300 4.47 24.34 9.81
CA ILE B 300 4.48 22.94 10.21
C ILE B 300 3.11 22.55 10.73
N VAL B 301 2.57 21.46 10.21
CA VAL B 301 1.33 20.89 10.71
C VAL B 301 1.62 19.42 10.98
N ALA B 302 0.82 18.84 11.87
CA ALA B 302 1.02 17.45 12.27
C ALA B 302 -0.27 16.67 12.03
N ILE B 303 -0.11 15.42 11.61
CA ILE B 303 -1.23 14.54 11.29
C ILE B 303 -0.95 13.19 11.92
N THR B 304 -1.98 12.63 12.57
CA THR B 304 -1.98 11.28 13.10
C THR B 304 -3.20 10.55 12.58
N ALA B 305 -3.03 9.23 12.44
CA ALA B 305 -4.15 8.34 12.10
C ALA B 305 -4.64 7.71 13.41
N ALA B 306 -5.35 8.49 14.23
CA ALA B 306 -6.02 8.00 15.45
C ALA B 306 -5.07 7.66 16.60
N MET B 307 -3.84 8.14 16.58
CA MET B 307 -2.92 7.84 17.70
C MET B 307 -2.19 9.11 18.13
N PRO B 308 -2.89 10.21 18.50
CA PRO B 308 -2.17 11.41 18.94
C PRO B 308 -1.34 11.16 20.19
N GLY B 309 -1.84 10.35 21.13
CA GLY B 309 -1.10 10.09 22.34
C GLY B 309 0.17 9.31 22.09
N PRO B 310 0.01 8.11 21.54
CA PRO B 310 1.17 7.23 21.31
C PRO B 310 2.22 7.80 20.37
N THR B 311 1.86 8.71 19.46
CA THR B 311 2.85 9.28 18.57
C THR B 311 3.53 10.52 19.13
N GLY B 312 3.12 10.98 20.31
CA GLY B 312 3.71 12.18 20.85
C GLY B 312 3.12 13.46 20.32
N LEU B 313 1.99 13.39 19.63
CA LEU B 313 1.42 14.61 19.07
C LEU B 313 0.41 15.30 19.97
N THR B 314 -0.09 14.64 21.02
CA THR B 314 -1.02 15.33 21.91
C THR B 314 -0.44 16.64 22.42
N ALA B 315 0.81 16.63 22.87
CA ALA B 315 1.43 17.85 23.39
C ALA B 315 1.59 18.91 22.29
N PHE B 316 1.80 18.47 21.05
CA PHE B 316 1.87 19.40 19.94
C PHE B 316 0.52 20.10 19.72
N GLY B 317 -0.57 19.31 19.68
CA GLY B 317 -1.89 19.92 19.56
C GLY B 317 -2.25 20.85 20.70
N GLN B 318 -1.79 20.55 21.92
CA GLN B 318 -2.07 21.45 23.03
C GLN B 318 -1.40 22.80 22.83
N ARG B 319 -0.24 22.83 22.18
CA ARG B 319 0.45 24.13 21.92
C ARG B 319 -0.08 24.79 20.64
N PHE B 320 -0.37 24.00 19.62
CA PHE B 320 -0.83 24.52 18.30
C PHE B 320 -2.11 23.78 17.93
N PRO B 321 -3.26 24.07 18.57
CA PRO B 321 -4.45 23.21 18.37
C PRO B 321 -4.99 23.25 16.95
N ASP B 322 -4.75 24.34 16.22
CA ASP B 322 -5.20 24.45 14.85
C ASP B 322 -4.30 23.71 13.87
N ARG B 323 -3.16 23.19 14.34
CA ARG B 323 -2.18 22.60 13.45
C ARG B 323 -2.01 21.10 13.66
N LEU B 324 -2.92 20.47 14.41
CA LEU B 324 -2.91 19.03 14.59
C LEU B 324 -4.19 18.45 14.01
N PHE B 325 -4.06 17.46 13.12
CA PHE B 325 -5.24 16.79 12.59
C PHE B 325 -5.18 15.31 12.92
N ASP B 326 -6.25 14.79 13.50
CA ASP B 326 -6.44 13.36 13.73
C ASP B 326 -7.46 12.88 12.70
N VAL B 327 -7.02 12.07 11.73
CA VAL B 327 -7.90 11.75 10.61
C VAL B 327 -8.67 10.45 10.81
N GLY B 328 -8.65 9.90 12.01
CA GLY B 328 -9.23 8.56 12.23
C GLY B 328 -8.24 7.49 11.84
N ILE B 329 -8.68 6.22 11.81
CA ILE B 329 -7.78 5.09 11.38
C ILE B 329 -7.79 5.15 9.85
N ALA B 330 -7.03 6.08 9.31
CA ALA B 330 -7.16 6.39 7.89
C ALA B 330 -5.80 6.82 7.35
N GLU B 331 -4.83 5.92 7.42
CA GLU B 331 -3.45 6.25 6.97
C GLU B 331 -3.46 6.75 5.52
N GLN B 332 -4.33 6.19 4.68
CA GLN B 332 -4.38 6.68 3.28
CA GLN B 332 -4.34 6.71 3.28
C GLN B 332 -4.73 8.21 3.21
N HIS B 333 -5.82 8.53 3.91
CA HIS B 333 -6.22 9.93 3.95
C HIS B 333 -5.18 10.80 4.65
N ALA B 334 -4.55 10.28 5.69
CA ALA B 334 -3.47 11.04 6.33
C ALA B 334 -2.45 11.51 5.31
N MET B 335 -1.97 10.59 4.46
N MET B 335 -1.99 10.60 4.45
CA MET B 335 -0.91 10.93 3.49
CA MET B 335 -0.90 10.96 3.51
C MET B 335 -1.40 11.83 2.38
C MET B 335 -1.42 11.87 2.39
N THR B 336 -2.59 11.56 1.82
CA THR B 336 -3.04 12.37 0.70
C THR B 336 -3.57 13.71 1.14
N SER B 337 -4.20 13.80 2.32
CA SER B 337 -4.52 15.14 2.83
C SER B 337 -3.24 15.88 3.18
N ALA B 338 -2.20 15.17 3.59
CA ALA B 338 -0.89 15.82 3.73
C ALA B 338 -0.43 16.39 2.41
N ALA B 339 -0.62 15.64 1.32
CA ALA B 339 -0.29 16.16 0.00
C ALA B 339 -1.06 17.44 -0.29
N GLY B 340 -2.36 17.45 0.02
CA GLY B 340 -3.14 18.66 -0.20
C GLY B 340 -2.68 19.83 0.65
N LEU B 341 -2.36 19.57 1.92
CA LEU B 341 -1.79 20.62 2.77
C LEU B 341 -0.50 21.17 2.19
N ALA B 342 0.36 20.30 1.65
CA ALA B 342 1.61 20.75 1.04
C ALA B 342 1.35 21.56 -0.22
N MET B 343 0.37 21.14 -1.01
CA MET B 343 -0.07 21.90 -2.18
C MET B 343 -0.58 23.30 -1.79
N GLY B 344 -1.04 23.48 -0.55
CA GLY B 344 -1.45 24.77 -0.02
C GLY B 344 -0.34 25.52 0.69
N GLY B 345 0.90 25.06 0.57
CA GLY B 345 2.05 25.79 1.08
C GLY B 345 2.58 25.37 2.44
N LEU B 346 2.01 24.35 3.07
CA LEU B 346 2.45 23.93 4.39
C LEU B 346 3.44 22.77 4.28
N HIS B 347 4.06 22.44 5.43
CA HIS B 347 5.00 21.32 5.54
C HIS B 347 4.46 20.33 6.56
N PRO B 348 3.68 19.35 6.13
CA PRO B 348 3.08 18.43 7.09
C PRO B 348 4.08 17.45 7.66
N VAL B 349 3.85 17.09 8.91
CA VAL B 349 4.58 16.00 9.58
C VAL B 349 3.55 14.93 9.89
N VAL B 350 3.65 13.78 9.23
CA VAL B 350 2.70 12.68 9.39
C VAL B 350 3.36 11.62 10.26
N ALA B 351 2.84 11.45 11.48
CA ALA B 351 3.41 10.50 12.44
C ALA B 351 2.51 9.28 12.44
N ILE B 352 2.99 8.20 11.84
CA ILE B 352 2.29 6.91 11.76
C ILE B 352 3.29 5.82 12.13
N TYR B 353 2.87 4.91 13.00
CA TYR B 353 3.75 3.79 13.37
C TYR B 353 4.17 3.05 12.10
N SER B 354 5.40 2.55 12.09
CA SER B 354 5.99 1.95 10.91
C SER B 354 5.08 0.93 10.22
N THR B 355 4.61 -0.09 10.95
CA THR B 355 3.85 -1.17 10.30
C THR B 355 2.59 -0.64 9.61
N PHE B 356 1.92 0.34 10.21
CA PHE B 356 0.64 0.82 9.64
C PHE B 356 0.87 1.68 8.38
N LEU B 357 2.09 2.18 8.19
CA LEU B 357 2.36 2.95 6.99
C LEU B 357 2.24 2.11 5.73
N ASN B 358 2.29 0.76 5.83
CA ASN B 358 2.06 -0.07 4.65
C ASN B 358 0.79 0.35 3.92
N ARG B 359 -0.20 0.77 4.70
CA ARG B 359 -1.52 1.08 4.08
C ARG B 359 -1.43 2.31 3.17
N ALA B 360 -0.42 3.13 3.36
CA ALA B 360 -0.33 4.39 2.62
C ALA B 360 0.70 4.36 1.50
N PHE B 361 1.15 3.16 1.09
CA PHE B 361 2.22 3.06 0.09
C PHE B 361 1.88 3.84 -1.17
N ASP B 362 0.69 3.63 -1.73
CA ASP B 362 0.39 4.28 -3.01
C ASP B 362 0.19 5.77 -2.86
N GLN B 363 -0.20 6.23 -1.68
CA GLN B 363 -0.38 7.66 -1.50
C GLN B 363 0.96 8.35 -1.33
N ILE B 364 1.89 7.71 -0.62
CA ILE B 364 3.28 8.19 -0.61
C ILE B 364 3.79 8.31 -2.04
N MET B 365 3.50 7.30 -2.85
N MET B 365 3.50 7.30 -2.85
CA MET B 365 4.09 7.26 -4.22
CA MET B 365 4.10 7.26 -4.21
C MET B 365 3.44 8.24 -5.19
C MET B 365 3.43 8.23 -5.19
N MET B 366 2.12 8.18 -5.31
CA MET B 366 1.47 8.93 -6.39
C MET B 366 0.91 10.26 -5.95
N ASP B 367 0.65 10.46 -4.66
CA ASP B 367 0.14 11.75 -4.21
C ASP B 367 1.22 12.66 -3.63
N VAL B 368 2.16 12.12 -2.85
CA VAL B 368 3.23 12.96 -2.31
C VAL B 368 4.45 13.00 -3.23
N ALA B 369 5.05 11.84 -3.53
CA ALA B 369 6.33 11.84 -4.25
C ALA B 369 6.19 12.30 -5.69
N LEU B 370 5.13 11.85 -6.37
CA LEU B 370 4.95 12.25 -7.77
C LEU B 370 4.89 13.76 -7.91
N HIS B 371 4.32 14.44 -6.92
CA HIS B 371 4.17 15.90 -6.95
C HIS B 371 5.32 16.64 -6.28
N LYS B 372 6.35 15.92 -5.85
CA LYS B 372 7.54 16.51 -5.26
C LYS B 372 7.19 17.39 -4.06
N LEU B 373 6.34 16.84 -3.17
CA LEU B 373 5.80 17.68 -2.11
C LEU B 373 6.54 17.46 -0.79
N PRO B 374 6.75 18.51 -0.02
CA PRO B 374 7.51 18.42 1.25
C PRO B 374 6.69 17.92 2.43
N VAL B 375 6.48 16.61 2.47
CA VAL B 375 5.81 15.94 3.58
C VAL B 375 6.85 15.13 4.33
N THR B 376 6.93 15.30 5.64
CA THR B 376 7.83 14.51 6.46
C THR B 376 7.03 13.44 7.18
N MET B 377 7.47 12.21 7.03
CA MET B 377 6.83 11.05 7.66
C MET B 377 7.70 10.69 8.87
N VAL B 378 7.07 10.44 10.02
CA VAL B 378 7.78 10.06 11.24
C VAL B 378 7.23 8.71 11.68
N LEU B 379 8.07 7.68 11.62
CA LEU B 379 7.68 6.27 11.81
C LEU B 379 8.24 5.77 13.14
N ASP B 380 7.44 5.91 14.19
CA ASP B 380 7.71 5.35 15.50
C ASP B 380 7.49 3.84 15.44
N ARG B 381 7.92 3.12 16.48
CA ARG B 381 7.79 1.66 16.54
C ARG B 381 8.41 1.01 15.29
N ALA B 382 9.52 1.58 14.84
CA ALA B 382 10.26 0.99 13.73
C ALA B 382 11.18 -0.11 14.25
N GLY B 383 11.35 -1.16 13.45
CA GLY B 383 12.10 -2.31 13.90
C GLY B 383 11.22 -3.22 14.74
N ILE B 384 11.86 -4.20 15.39
CA ILE B 384 11.10 -5.19 16.16
C ILE B 384 10.39 -4.52 17.33
N THR B 385 9.09 -4.79 17.46
CA THR B 385 8.38 -4.38 18.66
C THR B 385 8.06 -5.56 19.58
N GLY B 386 7.97 -6.76 19.01
CA GLY B 386 7.91 -8.00 19.77
C GLY B 386 6.54 -8.48 20.23
N SER B 387 5.97 -7.84 21.25
CA SER B 387 4.91 -8.51 22.01
CA SER B 387 4.92 -8.51 22.01
C SER B 387 3.57 -8.53 21.29
N ASP B 388 3.43 -7.72 20.25
CA ASP B 388 2.15 -7.69 19.48
C ASP B 388 2.25 -8.61 18.26
N GLY B 389 3.36 -9.32 18.12
CA GLY B 389 3.43 -10.34 17.10
C GLY B 389 3.70 -9.78 15.71
N ALA B 390 3.43 -10.65 14.72
CA ALA B 390 3.98 -10.45 13.39
C ALA B 390 3.44 -9.19 12.71
N SER B 391 2.19 -8.84 12.97
CA SER B 391 1.55 -7.73 12.27
C SER B 391 1.83 -6.38 12.91
N HIS B 392 2.70 -6.36 13.92
CA HIS B 392 3.03 -5.06 14.59
C HIS B 392 4.51 -4.68 14.39
N ASN B 393 5.40 -5.65 14.18
CA ASN B 393 6.82 -5.29 14.01
C ASN B 393 7.01 -4.31 12.86
N GLY B 394 7.78 -3.24 13.12
CA GLY B 394 7.94 -2.23 12.09
C GLY B 394 9.09 -2.61 11.16
N MET B 395 9.00 -3.75 10.48
CA MET B 395 10.17 -4.27 9.73
C MET B 395 10.06 -4.16 8.21
N TRP B 396 9.13 -3.32 7.75
CA TRP B 396 8.93 -3.18 6.32
C TRP B 396 9.31 -1.79 5.79
N ASP B 397 9.51 -0.79 6.66
CA ASP B 397 9.46 0.58 6.14
C ASP B 397 10.68 0.92 5.28
N LEU B 398 11.88 0.44 5.62
CA LEU B 398 13.01 0.82 4.77
C LEU B 398 12.90 0.19 3.39
N SER B 399 12.34 -1.01 3.32
CA SER B 399 12.13 -1.68 2.05
C SER B 399 11.03 -1.01 1.24
N MET B 400 9.89 -0.70 1.89
CA MET B 400 8.80 -0.05 1.16
C MET B 400 9.20 1.35 0.71
N LEU B 401 9.79 2.15 1.61
CA LEU B 401 10.13 3.52 1.24
C LEU B 401 11.19 3.57 0.14
N GLY B 402 12.07 2.58 0.07
CA GLY B 402 13.11 2.58 -0.95
C GLY B 402 12.59 2.48 -2.37
N ILE B 403 11.33 2.08 -2.54
CA ILE B 403 10.75 2.03 -3.88
C ILE B 403 10.37 3.42 -4.36
N VAL B 404 10.22 4.37 -3.45
CA VAL B 404 9.69 5.69 -3.79
C VAL B 404 10.77 6.52 -4.49
N PRO B 405 10.57 6.94 -5.74
CA PRO B 405 11.60 7.75 -6.41
C PRO B 405 11.99 8.97 -5.60
N GLY B 406 13.31 9.16 -5.44
CA GLY B 406 13.85 10.35 -4.84
C GLY B 406 13.74 10.47 -3.34
N ILE B 407 13.19 9.47 -2.65
CA ILE B 407 12.89 9.66 -1.24
C ILE B 407 14.17 9.84 -0.43
N ARG B 408 14.01 10.55 0.68
CA ARG B 408 15.11 10.75 1.65
C ARG B 408 14.64 10.13 2.96
N VAL B 409 15.41 9.22 3.53
CA VAL B 409 15.00 8.50 4.74
C VAL B 409 16.13 8.52 5.76
N ALA B 410 15.80 8.95 6.98
CA ALA B 410 16.76 8.99 8.07
C ALA B 410 16.40 7.98 9.16
N ALA B 411 17.43 7.47 9.84
CA ALA B 411 17.23 6.54 10.96
C ALA B 411 18.06 7.07 12.12
N PRO B 412 17.46 7.83 13.04
CA PRO B 412 18.22 8.35 14.18
C PRO B 412 18.87 7.26 15.02
N ARG B 413 20.11 7.51 15.44
CA ARG B 413 20.79 6.60 16.36
C ARG B 413 20.63 6.98 17.82
N ASP B 414 20.16 8.19 18.10
CA ASP B 414 20.04 8.68 19.48
C ASP B 414 19.20 9.95 19.47
N ALA B 415 19.01 10.53 20.67
CA ALA B 415 18.12 11.68 20.81
C ALA B 415 18.62 12.88 20.02
N THR B 416 19.91 13.18 20.13
CA THR B 416 20.43 14.33 19.42
C THR B 416 20.29 14.16 17.91
N ARG B 417 20.52 12.94 17.41
CA ARG B 417 20.37 12.72 15.98
C ARG B 417 18.90 12.72 15.55
N LEU B 418 17.98 12.34 16.44
CA LEU B 418 16.57 12.53 16.11
C LEU B 418 16.27 14.01 15.94
N ARG B 419 16.67 14.81 16.92
CA ARG B 419 16.46 16.26 16.81
CA ARG B 419 16.47 16.26 16.81
C ARG B 419 17.09 16.81 15.54
N GLU B 420 18.35 16.45 15.28
CA GLU B 420 19.07 16.96 14.12
C GLU B 420 18.41 16.55 12.82
N GLU B 421 18.09 15.26 12.68
CA GLU B 421 17.58 14.77 11.41
C GLU B 421 16.15 15.24 11.18
N LEU B 422 15.38 15.45 12.25
CA LEU B 422 14.05 16.05 12.07
C LEU B 422 14.17 17.45 11.49
N GLY B 423 15.10 18.25 12.02
CA GLY B 423 15.30 19.59 11.47
C GLY B 423 15.73 19.55 10.01
N GLU B 424 16.62 18.61 9.67
CA GLU B 424 17.02 18.47 8.27
C GLU B 424 15.83 18.09 7.39
N ALA B 425 15.01 17.15 7.87
CA ALA B 425 13.81 16.78 7.12
C ALA B 425 12.90 17.97 6.89
N LEU B 426 12.69 18.79 7.93
CA LEU B 426 11.79 19.94 7.79
C LEU B 426 12.33 20.96 6.80
N ASP B 427 13.62 20.92 6.52
CA ASP B 427 14.24 21.84 5.56
C ASP B 427 14.33 21.26 4.15
N VAL B 428 13.87 20.04 3.93
CA VAL B 428 13.73 19.48 2.59
C VAL B 428 12.38 19.94 2.04
N ASP B 429 12.40 20.84 1.06
CA ASP B 429 11.17 21.47 0.58
C ASP B 429 10.72 20.97 -0.78
N ASP B 430 11.37 19.94 -1.33
CA ASP B 430 11.08 19.53 -2.71
C ASP B 430 10.74 18.05 -2.82
N GLY B 431 10.32 17.41 -1.73
CA GLY B 431 9.95 16.02 -1.77
C GLY B 431 9.80 15.41 -0.40
N PRO B 432 9.28 14.19 -0.34
CA PRO B 432 9.04 13.55 0.95
C PRO B 432 10.32 13.13 1.66
N THR B 433 10.26 13.23 2.99
CA THR B 433 11.30 12.78 3.89
C THR B 433 10.67 11.82 4.90
N ALA B 434 11.49 10.96 5.49
CA ALA B 434 11.02 10.08 6.55
C ALA B 434 12.09 9.93 7.61
N LEU B 435 11.64 9.83 8.86
CA LEU B 435 12.45 9.41 9.99
C LEU B 435 11.83 8.14 10.58
N ARG B 436 12.69 7.18 10.94
CA ARG B 436 12.19 5.94 11.57
C ARG B 436 13.03 5.63 12.82
N PHE B 437 12.35 5.24 13.90
CA PHE B 437 13.07 4.96 15.15
C PHE B 437 12.24 3.99 16.00
N PRO B 438 12.87 3.30 16.94
CA PRO B 438 12.22 2.20 17.65
C PRO B 438 11.39 2.67 18.83
N LYS B 439 10.56 1.74 19.32
CA LYS B 439 9.87 1.91 20.59
C LYS B 439 10.87 1.91 21.75
N GLY B 440 10.42 2.41 22.89
CA GLY B 440 11.17 2.28 24.13
C GLY B 440 12.03 3.48 24.45
N ASP B 441 12.93 3.26 25.41
CA ASP B 441 13.75 4.36 25.91
C ASP B 441 14.94 4.59 25.00
N VAL B 442 15.34 5.86 24.92
CA VAL B 442 16.53 6.24 24.18
C VAL B 442 17.66 6.41 25.19
N GLY B 443 18.78 5.76 24.93
CA GLY B 443 19.92 5.80 25.81
C GLY B 443 20.74 7.05 25.62
N GLU B 444 21.94 7.01 26.16
N GLU B 444 21.94 7.01 26.16
CA GLU B 444 22.84 8.18 26.10
CA GLU B 444 22.84 8.19 26.09
C GLU B 444 23.28 8.45 24.66
C GLU B 444 23.27 8.45 24.65
N ASP B 445 23.47 9.71 24.32
CA ASP B 445 24.00 10.06 23.00
C ASP B 445 25.27 9.26 22.68
N ILE B 446 25.38 8.86 21.42
CA ILE B 446 26.54 8.17 20.88
C ILE B 446 27.33 9.18 20.08
N SER B 447 28.49 9.57 20.61
CA SER B 447 29.27 10.65 19.95
C SER B 447 30.07 10.11 18.78
N ALA B 448 30.17 10.91 17.73
CA ALA B 448 30.96 10.52 16.57
C ALA B 448 32.40 10.99 16.72
N LEU B 449 33.31 10.28 16.05
CA LEU B 449 34.70 10.74 15.94
C LEU B 449 34.86 11.84 14.90
N GLU B 450 34.00 11.78 13.89
CA GLU B 450 34.05 12.76 12.79
C GLU B 450 32.88 12.52 11.84
N ARG B 451 32.53 13.56 11.09
CA ARG B 451 31.47 13.44 10.06
C ARG B 451 32.13 13.58 8.69
N ARG B 452 31.94 12.59 7.83
CA ARG B 452 32.49 12.63 6.46
C ARG B 452 31.33 12.43 5.48
N GLY B 453 31.07 13.44 4.65
CA GLY B 453 29.98 13.35 3.65
C GLY B 453 28.65 13.00 4.30
N GLY B 454 28.33 13.63 5.43
CA GLY B 454 27.05 13.40 6.12
C GLY B 454 27.06 12.13 6.97
N VAL B 455 28.06 11.28 6.76
CA VAL B 455 28.13 9.99 7.52
C VAL B 455 28.89 10.23 8.82
N ASP B 456 28.37 9.71 9.93
CA ASP B 456 29.08 9.84 11.23
C ASP B 456 29.96 8.62 11.47
N VAL B 457 31.26 8.85 11.67
CA VAL B 457 32.17 7.76 12.01
C VAL B 457 32.09 7.57 13.51
N LEU B 458 31.55 6.42 13.94
CA LEU B 458 31.40 6.14 15.37
C LEU B 458 32.61 5.43 15.95
N ALA B 459 33.34 4.67 15.14
CA ALA B 459 34.57 4.02 15.57
C ALA B 459 35.43 3.78 14.34
N ALA B 460 36.74 3.74 14.56
CA ALA B 460 37.71 3.54 13.50
C ALA B 460 38.71 2.48 13.96
N PRO B 461 39.37 1.80 13.04
CA PRO B 461 40.34 0.78 13.43
C PRO B 461 41.45 1.39 14.28
N ALA B 462 41.81 0.68 15.35
CA ALA B 462 42.89 1.15 16.20
C ALA B 462 44.18 1.24 15.41
N ASP B 463 45.02 2.19 15.79
CA ASP B 463 46.37 2.28 15.25
C ASP B 463 47.04 0.92 15.28
N GLY B 464 47.48 0.46 14.11
CA GLY B 464 48.09 -0.85 13.96
C GLY B 464 47.21 -1.91 13.35
N LEU B 465 45.91 -1.64 13.22
CA LEU B 465 44.98 -2.59 12.61
C LEU B 465 44.67 -2.13 11.20
N ASN B 466 44.28 -3.08 10.36
CA ASN B 466 43.90 -2.75 8.98
C ASN B 466 42.44 -2.29 8.93
N HIS B 467 42.05 -1.76 7.77
CA HIS B 467 40.66 -1.36 7.52
C HIS B 467 39.95 -2.56 6.92
N ASP B 468 39.65 -3.52 7.79
CA ASP B 468 39.08 -4.77 7.36
C ASP B 468 37.59 -4.66 7.04
N VAL B 469 36.81 -4.05 7.93
CA VAL B 469 35.35 -4.09 7.86
C VAL B 469 34.77 -2.70 7.98
N LEU B 470 33.89 -2.33 7.04
CA LEU B 470 33.04 -1.15 7.18
C LEU B 470 31.70 -1.67 7.69
N LEU B 471 31.37 -1.32 8.93
CA LEU B 471 30.13 -1.76 9.57
C LEU B 471 29.16 -0.60 9.52
N VAL B 472 28.16 -0.71 8.63
CA VAL B 472 27.18 0.34 8.40
C VAL B 472 26.02 0.06 9.37
N ALA B 473 25.98 0.82 10.46
CA ALA B 473 25.03 0.59 11.54
C ALA B 473 23.81 1.48 11.33
N ILE B 474 22.64 0.87 11.10
CA ILE B 474 21.42 1.64 10.86
C ILE B 474 20.69 1.87 12.17
N GLY B 475 20.40 3.14 12.45
CA GLY B 475 19.50 3.52 13.52
C GLY B 475 19.75 2.88 14.86
N ALA B 476 18.77 2.11 15.33
CA ALA B 476 18.76 1.52 16.66
C ALA B 476 19.89 0.53 16.89
N PHE B 477 20.60 0.12 15.84
CA PHE B 477 21.64 -0.89 16.01
C PHE B 477 23.02 -0.29 16.13
N ALA B 478 23.14 1.01 16.37
CA ALA B 478 24.47 1.59 16.59
C ALA B 478 25.14 1.00 17.83
N PRO B 479 24.48 0.87 18.99
CA PRO B 479 25.15 0.25 20.14
C PRO B 479 25.63 -1.17 19.85
N MET B 480 24.80 -1.99 19.21
CA MET B 480 25.22 -3.32 18.81
C MET B 480 26.48 -3.28 17.95
N ALA B 481 26.50 -2.37 16.98
CA ALA B 481 27.63 -2.30 16.07
C ALA B 481 28.91 -1.94 16.81
N LEU B 482 28.82 -0.99 17.75
CA LEU B 482 30.00 -0.62 18.54
C LEU B 482 30.47 -1.79 19.40
N ALA B 483 29.52 -2.56 19.96
CA ALA B 483 29.93 -3.74 20.71
C ALA B 483 30.58 -4.77 19.81
N VAL B 484 30.05 -4.94 18.60
CA VAL B 484 30.65 -5.87 17.64
C VAL B 484 32.06 -5.44 17.30
N ALA B 485 32.26 -4.14 17.10
CA ALA B 485 33.57 -3.62 16.73
C ALA B 485 34.59 -3.81 17.84
N LYS B 486 34.15 -3.70 19.09
CA LYS B 486 35.10 -3.93 20.22
C LYS B 486 35.52 -5.41 20.25
N ARG B 487 34.57 -6.33 20.10
CA ARG B 487 34.91 -7.75 20.06
C ARG B 487 35.91 -8.02 18.96
N LEU B 488 35.66 -7.48 17.76
CA LEU B 488 36.56 -7.72 16.65
C LEU B 488 37.92 -7.07 16.87
N HIS B 489 37.93 -5.88 17.48
CA HIS B 489 39.19 -5.25 17.86
C HIS B 489 40.05 -6.19 18.69
N ASN B 490 39.44 -6.84 19.69
CA ASN B 490 40.18 -7.78 20.52
C ASN B 490 40.74 -8.93 19.69
N GLN B 491 40.10 -9.24 18.58
CA GLN B 491 40.58 -10.29 17.70
C GLN B 491 41.62 -9.79 16.68
N GLY B 492 41.94 -8.50 16.70
CA GLY B 492 42.89 -7.97 15.74
C GLY B 492 42.27 -7.58 14.42
N ILE B 493 40.94 -7.46 14.37
CA ILE B 493 40.21 -7.10 13.17
C ILE B 493 39.80 -5.63 13.28
N GLY B 494 40.20 -4.82 12.30
CA GLY B 494 39.93 -3.39 12.34
C GLY B 494 38.59 -3.07 11.70
N VAL B 495 37.75 -2.33 12.43
CA VAL B 495 36.40 -2.03 11.96
C VAL B 495 36.18 -0.53 12.00
N THR B 496 35.66 0.02 10.92
CA THR B 496 35.06 1.34 10.94
C THR B 496 33.56 1.16 11.13
N VAL B 497 33.00 1.80 12.15
CA VAL B 497 31.55 1.82 12.34
C VAL B 497 31.05 3.20 11.93
N ILE B 498 30.05 3.24 11.04
CA ILE B 498 29.45 4.50 10.61
C ILE B 498 27.95 4.44 10.86
N ASP B 499 27.40 5.59 11.25
CA ASP B 499 25.97 5.85 11.16
C ASP B 499 25.76 6.75 9.93
N PRO B 500 25.13 6.25 8.84
CA PRO B 500 24.96 7.08 7.66
C PRO B 500 23.95 8.22 7.89
N ARG B 501 23.16 8.12 8.96
CA ARG B 501 22.14 9.13 9.30
C ARG B 501 21.02 9.09 8.26
N TRP B 502 21.30 9.60 7.08
CA TRP B 502 20.34 9.55 5.95
C TRP B 502 20.66 8.28 5.16
N VAL B 503 19.92 7.23 5.45
CA VAL B 503 20.16 5.90 4.89
C VAL B 503 19.86 5.87 3.40
N LEU B 504 18.78 6.55 2.98
CA LEU B 504 18.38 6.67 1.59
C LEU B 504 18.29 8.15 1.20
N PRO B 505 18.81 8.54 0.02
CA PRO B 505 19.64 7.67 -0.85
C PRO B 505 20.97 7.36 -0.19
N VAL B 506 21.65 6.33 -0.66
CA VAL B 506 22.96 6.00 -0.14
C VAL B 506 23.93 7.12 -0.51
N SER B 507 24.68 7.59 0.48
CA SER B 507 25.46 8.81 0.33
C SER B 507 26.85 8.58 -0.26
N ASP B 508 27.44 9.67 -0.75
CA ASP B 508 28.81 9.64 -1.21
C ASP B 508 29.75 9.12 -0.12
N GLY B 509 29.49 9.53 1.13
CA GLY B 509 30.35 9.09 2.22
C GLY B 509 30.42 7.58 2.36
N VAL B 510 29.27 6.90 2.22
CA VAL B 510 29.29 5.45 2.28
C VAL B 510 30.12 4.87 1.16
N ARG B 511 29.92 5.39 -0.06
CA ARG B 511 30.68 4.89 -1.19
C ARG B 511 32.17 5.15 -1.00
N GLU B 512 32.51 6.30 -0.44
CA GLU B 512 33.95 6.67 -0.28
C GLU B 512 34.63 5.76 0.76
N LEU B 513 33.93 5.46 1.85
CA LEU B 513 34.53 4.59 2.86
C LEU B 513 34.55 3.14 2.42
N ALA B 514 33.55 2.70 1.64
CA ALA B 514 33.49 1.30 1.26
C ALA B 514 34.74 0.87 0.50
N VAL B 515 35.24 1.72 -0.40
CA VAL B 515 36.40 1.34 -1.20
C VAL B 515 37.66 1.21 -0.37
N GLN B 516 37.65 1.71 0.86
CA GLN B 516 38.81 1.64 1.73
C GLN B 516 38.81 0.40 2.63
N HIS B 517 37.81 -0.47 2.52
CA HIS B 517 37.69 -1.65 3.36
C HIS B 517 37.60 -2.89 2.50
N LYS B 518 37.83 -4.06 3.10
CA LYS B 518 37.78 -5.33 2.34
C LYS B 518 36.37 -5.93 2.38
N LEU B 519 35.55 -5.49 3.34
CA LEU B 519 34.22 -6.07 3.54
C LEU B 519 33.31 -4.97 4.08
N LEU B 520 32.08 -4.94 3.57
CA LEU B 520 31.04 -4.07 4.07
C LEU B 520 29.92 -4.91 4.68
N VAL B 521 29.52 -4.59 5.89
CA VAL B 521 28.38 -5.26 6.54
C VAL B 521 27.38 -4.20 6.97
N THR B 522 26.13 -4.34 6.53
CA THR B 522 25.07 -3.42 6.95
C THR B 522 24.25 -4.13 8.03
N LEU B 523 24.05 -3.44 9.16
CA LEU B 523 23.34 -4.01 10.30
C LEU B 523 22.06 -3.19 10.52
N GLU B 524 20.89 -3.82 10.31
CA GLU B 524 19.67 -3.03 10.27
C GLU B 524 18.51 -3.72 10.99
N ASP B 525 17.68 -2.91 11.64
CA ASP B 525 16.47 -3.38 12.34
C ASP B 525 15.28 -3.26 11.39
N ASN B 526 15.32 -4.07 10.33
CA ASN B 526 14.40 -4.03 9.19
C ASN B 526 14.57 -5.33 8.42
N GLY B 527 13.52 -5.75 7.74
CA GLY B 527 13.63 -6.92 6.86
C GLY B 527 14.76 -6.77 5.85
N VAL B 528 15.44 -7.89 5.58
CA VAL B 528 16.58 -7.86 4.66
C VAL B 528 16.14 -7.62 3.22
N ASN B 529 14.93 -8.04 2.84
CA ASN B 529 14.54 -7.92 1.43
C ASN B 529 14.31 -6.45 1.09
N GLY B 530 15.15 -5.91 0.21
CA GLY B 530 15.05 -4.52 -0.18
C GLY B 530 15.38 -3.53 0.90
N GLY B 531 15.99 -4.00 2.00
CA GLY B 531 16.32 -3.15 3.12
C GLY B 531 17.57 -2.32 2.87
N ALA B 532 18.07 -1.71 3.94
CA ALA B 532 19.23 -0.83 3.84
C ALA B 532 20.46 -1.54 3.29
N GLY B 533 20.70 -2.78 3.72
CA GLY B 533 21.88 -3.49 3.23
C GLY B 533 21.84 -3.70 1.73
N SER B 534 20.69 -4.15 1.23
CA SER B 534 20.56 -4.34 -0.21
CA SER B 534 20.52 -4.33 -0.22
C SER B 534 20.67 -3.00 -0.95
N ALA B 535 20.20 -1.92 -0.34
CA ALA B 535 20.29 -0.60 -0.97
C ALA B 535 21.74 -0.15 -1.04
N VAL B 536 22.51 -0.38 0.02
CA VAL B 536 23.94 -0.05 -0.01
C VAL B 536 24.64 -0.86 -1.09
N SER B 537 24.42 -2.18 -1.10
CA SER B 537 24.99 -3.04 -2.14
C SER B 537 24.66 -2.53 -3.53
N ALA B 538 23.38 -2.23 -3.77
CA ALA B 538 22.96 -1.76 -5.08
C ALA B 538 23.66 -0.46 -5.45
N ALA B 539 23.83 0.45 -4.49
CA ALA B 539 24.49 1.72 -4.79
C ALA B 539 25.96 1.51 -5.12
N LEU B 540 26.64 0.65 -4.37
CA LEU B 540 28.03 0.36 -4.68
C LEU B 540 28.17 -0.23 -6.08
N ARG B 541 27.36 -1.23 -6.39
CA ARG B 541 27.47 -1.88 -7.69
C ARG B 541 27.16 -0.91 -8.81
N ARG B 542 26.24 0.02 -8.59
N ARG B 542 26.23 0.02 -8.58
CA ARG B 542 25.91 1.05 -9.60
CA ARG B 542 25.91 1.04 -9.61
C ARG B 542 27.13 1.95 -9.81
C ARG B 542 27.14 1.95 -9.81
N ALA B 543 27.93 2.14 -8.76
CA ALA B 543 29.14 2.94 -8.86
C ALA B 543 30.37 2.10 -9.23
N GLU B 544 30.16 0.86 -9.69
CA GLU B 544 31.25 -0.04 -10.11
C GLU B 544 32.14 -0.44 -8.95
N ILE B 545 31.58 -0.50 -7.75
CA ILE B 545 32.29 -0.93 -6.55
C ILE B 545 31.80 -2.32 -6.18
N ASP B 546 32.71 -3.30 -6.25
CA ASP B 546 32.36 -4.71 -6.01
C ASP B 546 32.93 -5.25 -4.71
N VAL B 547 33.22 -4.38 -3.75
CA VAL B 547 33.56 -4.80 -2.39
C VAL B 547 32.43 -5.71 -1.89
N PRO B 548 32.75 -6.86 -1.31
CA PRO B 548 31.71 -7.78 -0.82
C PRO B 548 30.86 -7.11 0.25
N CYS B 549 29.54 -7.25 0.10
CA CYS B 549 28.56 -6.68 1.03
C CYS B 549 27.75 -7.83 1.63
N ARG B 550 27.44 -7.72 2.92
CA ARG B 550 26.54 -8.66 3.58
C ARG B 550 25.44 -7.87 4.27
N ASP B 551 24.22 -8.41 4.22
CA ASP B 551 23.01 -7.75 4.71
C ASP B 551 22.61 -8.45 6.00
N VAL B 552 23.05 -7.91 7.13
CA VAL B 552 22.71 -8.46 8.44
C VAL B 552 21.47 -7.72 8.95
N GLY B 553 20.32 -8.33 8.76
CA GLY B 553 19.10 -7.67 9.17
C GLY B 553 18.10 -8.71 9.62
N LEU B 554 16.84 -8.36 9.66
CA LEU B 554 15.80 -9.31 10.03
C LEU B 554 15.47 -10.21 8.84
N PRO B 555 15.52 -11.53 8.99
CA PRO B 555 15.04 -12.40 7.90
C PRO B 555 13.60 -12.01 7.53
N GLN B 556 13.25 -12.21 6.27
CA GLN B 556 11.98 -11.74 5.71
C GLN B 556 10.90 -12.74 6.08
N GLU B 557 10.45 -12.66 7.32
CA GLU B 557 9.55 -13.62 7.92
C GLU B 557 8.59 -12.88 8.83
N PHE B 558 7.44 -13.50 9.09
CA PHE B 558 6.54 -13.03 10.11
C PHE B 558 6.93 -13.67 11.45
N TYR B 559 7.16 -12.85 12.47
CA TYR B 559 7.65 -13.35 13.77
C TYR B 559 6.51 -13.51 14.77
N GLU B 560 6.58 -14.59 15.56
CA GLU B 560 5.67 -14.80 16.66
C GLU B 560 5.94 -13.78 17.77
N HIS B 561 4.96 -13.61 18.66
CA HIS B 561 5.12 -12.64 19.73
C HIS B 561 6.15 -13.11 20.75
N ALA B 562 6.90 -12.14 21.28
CA ALA B 562 7.94 -12.31 22.28
C ALA B 562 8.45 -10.91 22.59
N SER B 563 9.35 -10.80 23.57
CA SER B 563 9.92 -9.48 23.78
C SER B 563 10.84 -9.13 22.63
N ARG B 564 11.10 -7.83 22.46
CA ARG B 564 12.03 -7.40 21.41
C ARG B 564 13.38 -8.07 21.61
N SER B 565 13.88 -8.10 22.84
CA SER B 565 15.20 -8.69 23.06
C SER B 565 15.19 -10.18 22.78
N GLU B 566 14.08 -10.87 23.09
CA GLU B 566 13.95 -12.28 22.76
C GLU B 566 13.96 -12.52 21.26
N VAL B 567 13.20 -11.73 20.50
CA VAL B 567 13.18 -11.90 19.05
C VAL B 567 14.58 -11.71 18.49
N LEU B 568 15.25 -10.63 18.90
CA LEU B 568 16.59 -10.36 18.38
C LEU B 568 17.55 -11.49 18.73
N ALA B 569 17.51 -11.95 19.98
CA ALA B 569 18.40 -13.04 20.38
C ALA B 569 18.13 -14.31 19.57
N ASP B 570 16.84 -14.65 19.38
CA ASP B 570 16.50 -15.84 18.61
C ASP B 570 17.00 -15.76 17.18
N LEU B 571 17.12 -14.56 16.62
CA LEU B 571 17.58 -14.34 15.26
C LEU B 571 19.09 -14.25 15.15
N GLY B 572 19.81 -14.30 16.26
CA GLY B 572 21.24 -14.07 16.19
C GLY B 572 21.62 -12.61 16.02
N LEU B 573 20.68 -11.69 16.24
CA LEU B 573 21.00 -10.26 16.19
C LEU B 573 21.44 -9.81 17.58
N THR B 574 22.63 -10.29 17.95
CA THR B 574 23.32 -9.91 19.17
C THR B 574 24.76 -9.59 18.78
N ASP B 575 25.45 -8.79 19.61
CA ASP B 575 26.82 -8.43 19.26
C ASP B 575 27.73 -9.67 19.24
N GLN B 576 27.48 -10.63 20.14
CA GLN B 576 28.28 -11.87 20.10
C GLN B 576 28.10 -12.60 18.78
N ASP B 577 26.84 -12.81 18.35
CA ASP B 577 26.58 -13.62 17.18
C ASP B 577 27.03 -12.90 15.91
N VAL B 578 26.79 -11.59 15.84
CA VAL B 578 27.16 -10.85 14.64
C VAL B 578 28.68 -10.77 14.51
N ALA B 579 29.38 -10.58 15.64
CA ALA B 579 30.84 -10.59 15.57
C ALA B 579 31.35 -11.92 15.04
N ARG B 580 30.72 -13.01 15.44
CA ARG B 580 31.15 -14.36 14.96
C ARG B 580 30.95 -14.45 13.44
N ARG B 581 29.82 -13.97 12.95
CA ARG B 581 29.58 -14.09 11.50
C ARG B 581 30.63 -13.27 10.77
N ILE B 582 30.90 -12.05 11.27
CA ILE B 582 31.85 -11.20 10.56
C ILE B 582 33.25 -11.81 10.62
N THR B 583 33.61 -12.39 11.75
CA THR B 583 34.89 -13.10 11.84
C THR B 583 35.04 -14.11 10.72
N GLY B 584 33.98 -14.88 10.47
CA GLY B 584 34.02 -15.85 9.37
C GLY B 584 34.20 -15.22 8.00
N TRP B 585 33.48 -14.13 7.72
CA TRP B 585 33.63 -13.46 6.44
C TRP B 585 35.04 -12.91 6.28
N VAL B 586 35.59 -12.32 7.34
CA VAL B 586 36.94 -11.76 7.27
C VAL B 586 37.95 -12.88 7.05
N ALA B 587 37.79 -14.01 7.75
CA ALA B 587 38.74 -15.10 7.56
C ALA B 587 38.75 -15.57 6.11
N ALA B 588 37.59 -15.57 5.47
CA ALA B 588 37.49 -16.04 4.06
C ALA B 588 38.18 -15.06 3.09
N LEU B 589 38.26 -13.78 3.44
CA LEU B 589 38.86 -12.77 2.53
C LEU B 589 40.39 -12.73 2.72
N GLY B 590 40.88 -13.03 3.92
CA GLY B 590 42.32 -13.02 4.22
C GLY B 590 42.96 -11.63 4.20
N THR B 591 44.24 -11.54 3.81
CA THR B 591 45.01 -10.26 3.71
C THR B 591 45.91 -10.13 4.94
#